data_3DNB
# 
_entry.id   3DNB 
# 
_audit_conform.dict_name       mmcif_pdbx.dic 
_audit_conform.dict_version    5.392 
_audit_conform.dict_location   http://mmcif.pdb.org/dictionaries/ascii/mmcif_pdbx.dic 
# 
loop_
_database_2.database_id 
_database_2.database_code 
_database_2.pdbx_database_accession 
_database_2.pdbx_DOI 
PDB   3DNB         pdb_00003dnb 10.2210/pdb3dnb/pdb 
RCSB  BDJ008       ?            ?                   
WWPDB D_1000178941 ?            ?                   
# 
loop_
_pdbx_audit_revision_history.ordinal 
_pdbx_audit_revision_history.data_content_type 
_pdbx_audit_revision_history.major_revision 
_pdbx_audit_revision_history.minor_revision 
_pdbx_audit_revision_history.revision_date 
1 'Structure model' 1 0 1989-01-09 
2 'Structure model' 1 1 2008-05-22 
3 'Structure model' 1 2 2011-07-13 
4 'Structure model' 2 0 2023-07-26 
5 'Structure model' 2 1 2024-05-22 
# 
loop_
_pdbx_audit_revision_details.ordinal 
_pdbx_audit_revision_details.revision_ordinal 
_pdbx_audit_revision_details.data_content_type 
_pdbx_audit_revision_details.provider 
_pdbx_audit_revision_details.type 
_pdbx_audit_revision_details.description 
_pdbx_audit_revision_details.details 
1 1 'Structure model' repository 'Initial release' ? ? 
2 4 'Structure model' repository Remediation       ? 
'Coordinates and associated ncs operations (if present) transformed into standard crystal frame' 
# 
loop_
_pdbx_audit_revision_group.ordinal 
_pdbx_audit_revision_group.revision_ordinal 
_pdbx_audit_revision_group.data_content_type 
_pdbx_audit_revision_group.group 
1  2 'Structure model' 'Version format compliance' 
2  3 'Structure model' Advisory                    
3  3 'Structure model' 'Version format compliance' 
4  4 'Structure model' Advisory                    
5  4 'Structure model' 'Atomic model'              
6  4 'Structure model' 'Data collection'           
7  4 'Structure model' 'Database references'       
8  4 'Structure model' 'Derived calculations'      
9  4 'Structure model' Other                       
10 5 'Structure model' 'Data collection'           
# 
loop_
_pdbx_audit_revision_category.ordinal 
_pdbx_audit_revision_category.revision_ordinal 
_pdbx_audit_revision_category.data_content_type 
_pdbx_audit_revision_category.category 
1  4 'Structure model' atom_site                
2  4 'Structure model' atom_sites               
3  4 'Structure model' database_2               
4  4 'Structure model' database_PDB_matrix      
5  4 'Structure model' pdbx_database_remark     
6  4 'Structure model' pdbx_struct_conn_angle   
7  4 'Structure model' pdbx_validate_rmsd_angle 
8  4 'Structure model' pdbx_validate_rmsd_bond  
9  4 'Structure model' struct_conn              
10 4 'Structure model' struct_site              
11 5 'Structure model' chem_comp_atom           
12 5 'Structure model' chem_comp_bond           
# 
loop_
_pdbx_audit_revision_item.ordinal 
_pdbx_audit_revision_item.revision_ordinal 
_pdbx_audit_revision_item.data_content_type 
_pdbx_audit_revision_item.item 
1  4 'Structure model' '_atom_site.Cartn_x'                          
2  4 'Structure model' '_atom_site.Cartn_z'                          
3  4 'Structure model' '_atom_sites.fract_transf_matrix[1][1]'       
4  4 'Structure model' '_atom_sites.fract_transf_matrix[1][3]'       
5  4 'Structure model' '_atom_sites.fract_transf_matrix[3][1]'       
6  4 'Structure model' '_atom_sites.fract_transf_matrix[3][3]'       
7  4 'Structure model' '_database_2.pdbx_DOI'                        
8  4 'Structure model' '_database_2.pdbx_database_accession'         
9  4 'Structure model' '_database_PDB_matrix.origx[1][1]'            
10 4 'Structure model' '_database_PDB_matrix.origx[1][3]'            
11 4 'Structure model' '_database_PDB_matrix.origx[3][1]'            
12 4 'Structure model' '_database_PDB_matrix.origx[3][3]'            
13 4 'Structure model' '_pdbx_struct_conn_angle.ptnr1_auth_comp_id'  
14 4 'Structure model' '_pdbx_struct_conn_angle.ptnr1_auth_seq_id'   
15 4 'Structure model' '_pdbx_struct_conn_angle.ptnr1_label_asym_id' 
16 4 'Structure model' '_pdbx_struct_conn_angle.ptnr1_label_atom_id' 
17 4 'Structure model' '_pdbx_struct_conn_angle.ptnr1_label_comp_id' 
18 4 'Structure model' '_pdbx_struct_conn_angle.ptnr1_label_seq_id'  
19 4 'Structure model' '_pdbx_struct_conn_angle.ptnr3_auth_comp_id'  
20 4 'Structure model' '_pdbx_struct_conn_angle.ptnr3_auth_seq_id'   
21 4 'Structure model' '_pdbx_struct_conn_angle.ptnr3_label_asym_id' 
22 4 'Structure model' '_pdbx_struct_conn_angle.ptnr3_label_atom_id' 
23 4 'Structure model' '_pdbx_struct_conn_angle.ptnr3_label_comp_id' 
24 4 'Structure model' '_pdbx_struct_conn_angle.ptnr3_label_seq_id'  
25 4 'Structure model' '_pdbx_struct_conn_angle.value'               
26 4 'Structure model' '_pdbx_validate_rmsd_angle.angle_deviation'   
27 4 'Structure model' '_pdbx_validate_rmsd_angle.angle_value'       
28 4 'Structure model' '_pdbx_validate_rmsd_bond.bond_deviation'     
29 4 'Structure model' '_pdbx_validate_rmsd_bond.bond_value'         
30 4 'Structure model' '_struct_conn.pdbx_dist_value'                
31 4 'Structure model' '_struct_conn.ptnr1_auth_comp_id'             
32 4 'Structure model' '_struct_conn.ptnr1_auth_seq_id'              
33 4 'Structure model' '_struct_conn.ptnr1_label_asym_id'            
34 4 'Structure model' '_struct_conn.ptnr1_label_atom_id'            
35 4 'Structure model' '_struct_conn.ptnr1_label_comp_id'            
36 4 'Structure model' '_struct_conn.ptnr1_label_seq_id'             
37 4 'Structure model' '_struct_conn.ptnr2_auth_comp_id'             
38 4 'Structure model' '_struct_conn.ptnr2_auth_seq_id'              
39 4 'Structure model' '_struct_conn.ptnr2_label_asym_id'            
40 4 'Structure model' '_struct_conn.ptnr2_label_atom_id'            
41 4 'Structure model' '_struct_conn.ptnr2_label_comp_id'            
42 4 'Structure model' '_struct_conn.ptnr2_label_seq_id'             
43 4 'Structure model' '_struct_site.pdbx_auth_asym_id'              
44 4 'Structure model' '_struct_site.pdbx_auth_comp_id'              
45 4 'Structure model' '_struct_site.pdbx_auth_seq_id'               
# 
_pdbx_database_status.status_code                     REL 
_pdbx_database_status.entry_id                        3DNB 
_pdbx_database_status.recvd_initial_deposition_date   1988-03-18 
_pdbx_database_status.deposit_site                    BNL 
_pdbx_database_status.process_site                    BNL 
_pdbx_database_status.status_code_sf                  REL 
_pdbx_database_status.status_code_mr                  ? 
_pdbx_database_status.SG_entry                        ? 
_pdbx_database_status.pdb_format_compatible           Y 
_pdbx_database_status.status_code_cs                  ? 
_pdbx_database_status.status_code_nmr_data            ? 
_pdbx_database_status.methods_development_category    ? 
# 
loop_
_audit_author.name 
_audit_author.pdbx_ordinal 
'Prive, G.G.'     1 
'Dickerson, R.E.' 2 
# 
loop_
_citation.id 
_citation.title 
_citation.journal_abbrev 
_citation.journal_volume 
_citation.page_first 
_citation.page_last 
_citation.year 
_citation.journal_id_ASTM 
_citation.country 
_citation.journal_id_ISSN 
_citation.journal_id_CSD 
_citation.book_publisher 
_citation.pdbx_database_id_PubMed 
_citation.pdbx_database_id_DOI 
primary 
;Structure of the B-DNA decamer C-C-A-A-C-G-T-T-G-G and comparison with isomorphous decamers C-C-A-A-G-A-T-T-G-G and C-C-A-G-G-C-C-T-G-G.
;
J.Mol.Biol.                217 177 199 1991 JMOBAK UK 0022-2836     0070 ?                           1988677 
'10.1016/0022-2836(91)90619-H' 
1       'Helix Geometry, Hydration, and G.A Mismatch in a B-DNA Decamer' Science                    238 498 504 1987 SCIEAS US 
0036-8075     0038 ?                           ?       ?                              
2       'A Mismatch Decamer as a Model for General-Sequence B-DNA' 'Structure and Expression' 2   27  47  1988 ?      ?  
0-940030-22-5 0837 'Adenine Press, Albany, NY' ?       ?                              
# 
loop_
_citation_author.citation_id 
_citation_author.name 
_citation_author.ordinal 
_citation_author.identifier_ORCID 
primary 'Prive, G.G.'        1  ? 
primary 'Yanagi, K.'         2  ? 
primary 'Dickerson, R.E.'    3  ? 
1       'Prive, G.G.'        4  ? 
1       'Heinemann, U.'      5  ? 
1       'Chandrasegaran, S.' 6  ? 
1       'Kan, L.S.'          7  ? 
1       'Kopka, M.L.'        8  ? 
1       'Dickerson, R.E.'    9  ? 
2       'Prive, G.G.'        10 ? 
2       'Heinemann, U.'      11 ? 
2       'Chandrasegaran, S.' 12 ? 
2       'Kan, L.-S.'         13 ? 
2       'Kopka, M.L.'        14 ? 
2       'Dickerson, R.E.'    15 ? 
# 
loop_
_entity.id 
_entity.type 
_entity.src_method 
_entity.pdbx_description 
_entity.formula_weight 
_entity.pdbx_number_of_molecules 
_entity.pdbx_ec 
_entity.pdbx_mutation 
_entity.pdbx_fragment 
_entity.details 
1 polymer     syn 
;DNA (5'-D(*CP*CP*AP*AP*GP*AP*TP*TP*GP*G)-3')
;
3069.030 1  ? ? ? ? 
2 non-polymer syn 'MAGNESIUM ION'                                24.305   3  ? ? ? ? 
3 water       nat water                                          18.015   69 ? ? ? ? 
# 
_entity_poly.entity_id                      1 
_entity_poly.type                           polydeoxyribonucleotide 
_entity_poly.nstd_linkage                   no 
_entity_poly.nstd_monomer                   no 
_entity_poly.pdbx_seq_one_letter_code       '(DC)(DC)(DA)(DA)(DG)(DA)(DT)(DT)(DG)(DG)' 
_entity_poly.pdbx_seq_one_letter_code_can   CCAAGATTGG 
_entity_poly.pdbx_strand_id                 A 
_entity_poly.pdbx_target_identifier         ? 
# 
loop_
_pdbx_entity_nonpoly.entity_id 
_pdbx_entity_nonpoly.name 
_pdbx_entity_nonpoly.comp_id 
2 'MAGNESIUM ION' MG  
3 water           HOH 
# 
loop_
_entity_poly_seq.entity_id 
_entity_poly_seq.num 
_entity_poly_seq.mon_id 
_entity_poly_seq.hetero 
1 1  DC n 
1 2  DC n 
1 3  DA n 
1 4  DA n 
1 5  DG n 
1 6  DA n 
1 7  DT n 
1 8  DT n 
1 9  DG n 
1 10 DG n 
# 
loop_
_chem_comp.id 
_chem_comp.type 
_chem_comp.mon_nstd_flag 
_chem_comp.name 
_chem_comp.pdbx_synonyms 
_chem_comp.formula 
_chem_comp.formula_weight 
DA  'DNA linking' y "2'-DEOXYADENOSINE-5'-MONOPHOSPHATE" ? 'C10 H14 N5 O6 P' 331.222 
DC  'DNA linking' y "2'-DEOXYCYTIDINE-5'-MONOPHOSPHATE"  ? 'C9 H14 N3 O7 P'  307.197 
DG  'DNA linking' y "2'-DEOXYGUANOSINE-5'-MONOPHOSPHATE" ? 'C10 H14 N5 O7 P' 347.221 
DT  'DNA linking' y "THYMIDINE-5'-MONOPHOSPHATE"         ? 'C10 H15 N2 O8 P' 322.208 
HOH non-polymer   . WATER                                ? 'H2 O'            18.015  
MG  non-polymer   . 'MAGNESIUM ION'                      ? 'Mg 2'            24.305  
# 
loop_
_pdbx_poly_seq_scheme.asym_id 
_pdbx_poly_seq_scheme.entity_id 
_pdbx_poly_seq_scheme.seq_id 
_pdbx_poly_seq_scheme.mon_id 
_pdbx_poly_seq_scheme.ndb_seq_num 
_pdbx_poly_seq_scheme.pdb_seq_num 
_pdbx_poly_seq_scheme.auth_seq_num 
_pdbx_poly_seq_scheme.pdb_mon_id 
_pdbx_poly_seq_scheme.auth_mon_id 
_pdbx_poly_seq_scheme.pdb_strand_id 
_pdbx_poly_seq_scheme.pdb_ins_code 
_pdbx_poly_seq_scheme.hetero 
A 1 1  DC 1  1  1  DC C A . n 
A 1 2  DC 2  2  2  DC C A . n 
A 1 3  DA 3  3  3  DA A A . n 
A 1 4  DA 4  4  4  DA A A . n 
A 1 5  DG 5  5  5  DG G A . n 
A 1 6  DA 6  6  6  DA A A . n 
A 1 7  DT 7  7  7  DT T A . n 
A 1 8  DT 8  8  8  DT T A . n 
A 1 9  DG 9  9  9  DG G A . n 
A 1 10 DG 10 10 10 DG G A . n 
# 
loop_
_pdbx_nonpoly_scheme.asym_id 
_pdbx_nonpoly_scheme.entity_id 
_pdbx_nonpoly_scheme.mon_id 
_pdbx_nonpoly_scheme.ndb_seq_num 
_pdbx_nonpoly_scheme.pdb_seq_num 
_pdbx_nonpoly_scheme.auth_seq_num 
_pdbx_nonpoly_scheme.pdb_mon_id 
_pdbx_nonpoly_scheme.auth_mon_id 
_pdbx_nonpoly_scheme.pdb_strand_id 
_pdbx_nonpoly_scheme.pdb_ins_code 
B 2 MG  1  11 11 MG  MG  A . 
C 2 MG  1  12 12 MG  MG  A . 
D 2 MG  1  13 13 MG  MG  A . 
E 3 HOH 1  14 14 HOH HOH A . 
E 3 HOH 2  15 15 HOH HOH A . 
E 3 HOH 3  16 16 HOH HOH A . 
E 3 HOH 4  17 17 HOH HOH A . 
E 3 HOH 5  18 18 HOH HOH A . 
E 3 HOH 6  19 19 HOH HOH A . 
E 3 HOH 7  20 20 HOH HOH A . 
E 3 HOH 8  21 21 HOH HOH A . 
E 3 HOH 9  22 22 HOH HOH A . 
E 3 HOH 10 23 23 HOH HOH A . 
E 3 HOH 11 24 24 HOH HOH A . 
E 3 HOH 12 25 25 HOH HOH A . 
E 3 HOH 13 26 26 HOH HOH A . 
E 3 HOH 14 27 27 HOH HOH A . 
E 3 HOH 15 28 28 HOH HOH A . 
E 3 HOH 16 29 29 HOH HOH A . 
E 3 HOH 17 30 30 HOH HOH A . 
E 3 HOH 18 31 31 HOH HOH A . 
E 3 HOH 19 32 32 HOH HOH A . 
E 3 HOH 20 33 33 HOH HOH A . 
E 3 HOH 21 34 34 HOH HOH A . 
E 3 HOH 22 35 35 HOH HOH A . 
E 3 HOH 23 36 36 HOH HOH A . 
E 3 HOH 24 37 37 HOH HOH A . 
E 3 HOH 25 38 38 HOH HOH A . 
E 3 HOH 26 39 39 HOH HOH A . 
E 3 HOH 27 40 40 HOH HOH A . 
E 3 HOH 28 41 41 HOH HOH A . 
E 3 HOH 29 42 42 HOH HOH A . 
E 3 HOH 30 43 43 HOH HOH A . 
E 3 HOH 31 44 44 HOH HOH A . 
E 3 HOH 32 45 45 HOH HOH A . 
E 3 HOH 33 46 46 HOH HOH A . 
E 3 HOH 34 47 47 HOH HOH A . 
E 3 HOH 35 48 48 HOH HOH A . 
E 3 HOH 36 49 49 HOH HOH A . 
E 3 HOH 37 50 50 HOH HOH A . 
E 3 HOH 38 51 51 HOH HOH A . 
E 3 HOH 39 52 52 HOH HOH A . 
E 3 HOH 40 53 53 HOH HOH A . 
E 3 HOH 41 54 54 HOH HOH A . 
E 3 HOH 42 55 55 HOH HOH A . 
E 3 HOH 43 56 56 HOH HOH A . 
E 3 HOH 44 57 57 HOH HOH A . 
E 3 HOH 45 58 58 HOH HOH A . 
E 3 HOH 46 59 59 HOH HOH A . 
E 3 HOH 47 60 60 HOH HOH A . 
E 3 HOH 48 61 61 HOH HOH A . 
E 3 HOH 49 62 62 HOH HOH A . 
E 3 HOH 50 63 63 HOH HOH A . 
E 3 HOH 51 64 64 HOH HOH A . 
E 3 HOH 52 65 65 HOH HOH A . 
E 3 HOH 53 66 66 HOH HOH A . 
E 3 HOH 54 67 67 HOH HOH A . 
E 3 HOH 55 68 68 HOH HOH A . 
E 3 HOH 56 69 69 HOH HOH A . 
E 3 HOH 57 70 70 HOH HOH A . 
E 3 HOH 58 71 71 HOH HOH A . 
E 3 HOH 59 72 72 HOH HOH A . 
E 3 HOH 60 73 73 HOH HOH A . 
E 3 HOH 61 74 74 HOH HOH A . 
E 3 HOH 62 75 75 HOH HOH A . 
E 3 HOH 63 76 76 HOH HOH A . 
E 3 HOH 64 77 77 HOH HOH A . 
E 3 HOH 65 78 78 HOH HOH A . 
E 3 HOH 66 79 79 HOH HOH A . 
E 3 HOH 67 80 80 HOH HOH A . 
E 3 HOH 68 81 81 HOH HOH A . 
E 3 HOH 69 82 82 HOH HOH A . 
# 
_software.name             NUCLSQ 
_software.classification   refinement 
_software.version          . 
_software.citation_id      ? 
_software.pdbx_ordinal     1 
# 
_cell.entry_id           3DNB 
_cell.length_a           32.520 
_cell.length_b           26.170 
_cell.length_c           34.300 
_cell.angle_alpha        90.00 
_cell.angle_beta         118.90 
_cell.angle_gamma        90.00 
_cell.Z_PDB              4 
_cell.pdbx_unique_axis   ? 
# 
_symmetry.entry_id                         3DNB 
_symmetry.space_group_name_H-M             'C 1 2 1' 
_symmetry.pdbx_full_space_group_name_H-M   ? 
_symmetry.cell_setting                     ? 
_symmetry.Int_Tables_number                5 
# 
_exptl.entry_id          3DNB 
_exptl.method            'X-RAY DIFFRACTION' 
_exptl.crystals_number   ? 
# 
_exptl_crystal.id                    1 
_exptl_crystal.density_meas          ? 
_exptl_crystal.density_percent_sol   38.45 
_exptl_crystal.density_Matthews      2.00 
_exptl_crystal.description           ? 
# 
_exptl_crystal_grow.crystal_id      1 
_exptl_crystal_grow.method          'VAPOR DIFFUSION' 
_exptl_crystal_grow.temp            277.00 
_exptl_crystal_grow.temp_details    ? 
_exptl_crystal_grow.pH              ? 
_exptl_crystal_grow.pdbx_details    'VAPOR DIFFUSION, temperature 277.00K' 
_exptl_crystal_grow.pdbx_pH_range   . 
# 
loop_
_exptl_crystal_grow_comp.crystal_id 
_exptl_crystal_grow_comp.id 
_exptl_crystal_grow_comp.sol_id 
_exptl_crystal_grow_comp.name 
_exptl_crystal_grow_comp.volume 
_exptl_crystal_grow_comp.conc 
_exptl_crystal_grow_comp.details 
1 1 1 WATER ? ? ? 
1 2 1 MPD   ? ? ? 
1 3 1 MGCL2 ? ? ? 
1 4 2 WATER ? ? ? 
1 5 2 MPD   ? ? ? 
# 
_diffrn.id                     1 
_diffrn.ambient_temp           ? 
_diffrn.ambient_temp_details   'ROOM TEMPERATURE' 
_diffrn.crystal_id             1 
# 
_diffrn_detector.diffrn_id              1 
_diffrn_detector.detector               DIFFRACTOMETER 
_diffrn_detector.type                   'NICOLET P1' 
_diffrn_detector.pdbx_collection_date   ? 
_diffrn_detector.details                ? 
# 
_diffrn_radiation.diffrn_id                        1 
_diffrn_radiation.wavelength_id                    1 
_diffrn_radiation.pdbx_monochromatic_or_laue_m_l   M 
_diffrn_radiation.monochromator                    ? 
_diffrn_radiation.pdbx_diffrn_protocol             'SINGLE WAVELENGTH' 
_diffrn_radiation.pdbx_scattering_type             x-ray 
# 
_diffrn_radiation_wavelength.id           1 
_diffrn_radiation_wavelength.wavelength   . 
_diffrn_radiation_wavelength.wt           1.0 
# 
_diffrn_source.diffrn_id                   1 
_diffrn_source.source                      ? 
_diffrn_source.type                        ? 
_diffrn_source.pdbx_synchrotron_site       ? 
_diffrn_source.pdbx_synchrotron_beamline   ? 
_diffrn_source.pdbx_wavelength             ? 
_diffrn_source.pdbx_wavelength_list        ? 
# 
_reflns.entry_id                     3DNB 
_reflns.observed_criterion_sigma_I   ? 
_reflns.observed_criterion_sigma_F   ? 
_reflns.d_resolution_low             8.000 
_reflns.d_resolution_high            1.300 
_reflns.number_obs                   ? 
_reflns.number_all                   ? 
_reflns.percent_possible_obs         ? 
_reflns.pdbx_Rmerge_I_obs            ? 
_reflns.pdbx_Rsym_value              ? 
_reflns.pdbx_netI_over_sigmaI        ? 
_reflns.B_iso_Wilson_estimate        ? 
_reflns.pdbx_redundancy              ? 
_reflns.R_free_details               ? 
_reflns.pdbx_ordinal                 1 
_reflns.pdbx_diffrn_id               1 
# 
_refine.entry_id                                 3DNB 
_refine.ls_number_reflns_obs                     4016 
_refine.ls_number_reflns_all                     ? 
_refine.pdbx_ls_sigma_I                          ? 
_refine.pdbx_ls_sigma_F                          2.000 
_refine.pdbx_data_cutoff_high_absF               ? 
_refine.pdbx_data_cutoff_low_absF                ? 
_refine.pdbx_data_cutoff_high_rms_absF           ? 
_refine.ls_d_res_low                             8.000 
_refine.ls_d_res_high                            1.300 
_refine.ls_percent_reflns_obs                    ? 
_refine.ls_R_factor_obs                          0.1640000 
_refine.ls_R_factor_all                          ? 
_refine.ls_R_factor_R_work                       ? 
_refine.ls_R_factor_R_free                       ? 
_refine.ls_R_factor_R_free_error                 ? 
_refine.ls_R_factor_R_free_error_details         ? 
_refine.ls_percent_reflns_R_free                 ? 
_refine.ls_number_reflns_R_free                  ? 
_refine.ls_number_parameters                     ? 
_refine.ls_number_restraints                     ? 
_refine.occupancy_min                            0.53 
_refine.occupancy_max                            1.00 
_refine.B_iso_mean                               ? 
_refine.aniso_B[1][1]                            ? 
_refine.aniso_B[2][2]                            ? 
_refine.aniso_B[3][3]                            ? 
_refine.aniso_B[1][2]                            ? 
_refine.aniso_B[1][3]                            ? 
_refine.aniso_B[2][3]                            ? 
_refine.solvent_model_details                    ? 
_refine.solvent_model_param_ksol                 ? 
_refine.solvent_model_param_bsol                 ? 
_refine.pdbx_ls_cross_valid_method               ? 
_refine.details                                  ? 
_refine.pdbx_starting_model                      ? 
_refine.pdbx_method_to_determine_struct          ? 
_refine.pdbx_isotropic_thermal_model             ? 
_refine.pdbx_stereochemistry_target_values       ? 
_refine.pdbx_stereochem_target_val_spec_case     ? 
_refine.pdbx_R_Free_selection_details            ? 
_refine.pdbx_overall_ESU_R                       ? 
_refine.pdbx_overall_ESU_R_Free                  ? 
_refine.overall_SU_ML                            ? 
_refine.overall_SU_B                             ? 
_refine.ls_redundancy_reflns_obs                 ? 
_refine.correlation_coeff_Fo_to_Fc               ? 
_refine.correlation_coeff_Fo_to_Fc_free          ? 
_refine.pdbx_solvent_vdw_probe_radii             ? 
_refine.pdbx_solvent_ion_probe_radii             ? 
_refine.pdbx_solvent_shrinkage_radii             ? 
_refine.overall_SU_R_Cruickshank_DPI             ? 
_refine.overall_SU_R_free                        ? 
_refine.pdbx_refine_id                           'X-RAY DIFFRACTION' 
_refine.pdbx_diffrn_id                           1 
_refine.pdbx_TLS_residual_ADP_flag               ? 
_refine.pdbx_overall_phase_error                 ? 
_refine.pdbx_overall_SU_R_free_Cruickshank_DPI   ? 
_refine.pdbx_overall_SU_R_Blow_DPI               ? 
_refine.pdbx_overall_SU_R_free_Blow_DPI          ? 
# 
_refine_hist.pdbx_refine_id                   'X-RAY DIFFRACTION' 
_refine_hist.cycle_id                         LAST 
_refine_hist.pdbx_number_atoms_protein        0 
_refine_hist.pdbx_number_atoms_nucleic_acid   204 
_refine_hist.pdbx_number_atoms_ligand         3 
_refine_hist.number_atoms_solvent             69 
_refine_hist.number_atoms_total               276 
_refine_hist.d_res_high                       1.300 
_refine_hist.d_res_low                        8.000 
# 
loop_
_refine_ls_restr.type 
_refine_ls_restr.dev_ideal 
_refine_ls_restr.dev_ideal_target 
_refine_ls_restr.weight 
_refine_ls_restr.number 
_refine_ls_restr.pdbx_refine_id 
_refine_ls_restr.pdbx_restraint_function 
n_bond_d               0.019 ? ? ? 'X-RAY DIFFRACTION' ? 
n_angle_d              ?     ? ? ? 'X-RAY DIFFRACTION' ? 
n_planar_d             ?     ? ? ? 'X-RAY DIFFRACTION' ? 
n_hb_or_metal_coord    ?     ? ? ? 'X-RAY DIFFRACTION' ? 
n_sugar_bond_it        ?     ? ? ? 'X-RAY DIFFRACTION' ? 
n_sugar_angle_it       ?     ? ? ? 'X-RAY DIFFRACTION' ? 
n_phos_bond_it         ?     ? ? ? 'X-RAY DIFFRACTION' ? 
n_phos_angle_it        ?     ? ? ? 'X-RAY DIFFRACTION' ? 
n_bond_angle_restr     ?     ? ? ? 'X-RAY DIFFRACTION' ? 
n_dihedral_angle_restr ?     ? ? ? 'X-RAY DIFFRACTION' ? 
n_impr_tor             ?     ? ? ? 'X-RAY DIFFRACTION' ? 
n_sugar_bond_d         ?     ? ? ? 'X-RAY DIFFRACTION' ? 
n_sugar_bond_angle_d   ?     ? ? ? 'X-RAY DIFFRACTION' ? 
n_phos_bond_d          ?     ? ? ? 'X-RAY DIFFRACTION' ? 
n_phos_bond_angle_d    ?     ? ? ? 'X-RAY DIFFRACTION' ? 
n_plane_restr          ?     ? ? ? 'X-RAY DIFFRACTION' ? 
n_chiral_restr         ?     ? ? ? 'X-RAY DIFFRACTION' ? 
n_singtor_nbd          ?     ? ? ? 'X-RAY DIFFRACTION' ? 
n_multtor_nbd          ?     ? ? ? 'X-RAY DIFFRACTION' ? 
n_xhyhbond_nbd         ?     ? ? ? 'X-RAY DIFFRACTION' ? 
# 
_struct.entry_id                  3DNB 
_struct.title                     'HELIX GEOMETRY, HYDRATION, AND G.A MISMATCH IN A B-DNA DECAMER' 
_struct.pdbx_model_details        ? 
_struct.pdbx_CASP_flag            ? 
_struct.pdbx_model_type_details   ? 
# 
_struct_keywords.entry_id        3DNB 
_struct_keywords.pdbx_keywords   DNA 
_struct_keywords.text            'B-DNA, DOUBLE HELIX, MISMATCHED, DNA' 
# 
loop_
_struct_asym.id 
_struct_asym.pdbx_blank_PDB_chainid_flag 
_struct_asym.pdbx_modified 
_struct_asym.entity_id 
_struct_asym.details 
A N N 1 ? 
B N N 2 ? 
C N N 2 ? 
D N N 2 ? 
E N N 3 ? 
# 
_struct_ref.id                         1 
_struct_ref.entity_id                  1 
_struct_ref.db_name                    PDB 
_struct_ref.db_code                    3DNB 
_struct_ref.pdbx_db_accession          3DNB 
_struct_ref.pdbx_db_isoform            ? 
_struct_ref.pdbx_seq_one_letter_code   ? 
_struct_ref.pdbx_align_begin           ? 
# 
_struct_ref_seq.align_id                      1 
_struct_ref_seq.ref_id                        1 
_struct_ref_seq.pdbx_PDB_id_code              3DNB 
_struct_ref_seq.pdbx_strand_id                A 
_struct_ref_seq.seq_align_beg                 1 
_struct_ref_seq.pdbx_seq_align_beg_ins_code   ? 
_struct_ref_seq.seq_align_end                 10 
_struct_ref_seq.pdbx_seq_align_end_ins_code   ? 
_struct_ref_seq.pdbx_db_accession             3DNB 
_struct_ref_seq.db_align_beg                  1 
_struct_ref_seq.pdbx_db_align_beg_ins_code    ? 
_struct_ref_seq.db_align_end                  10 
_struct_ref_seq.pdbx_db_align_end_ins_code    ? 
_struct_ref_seq.pdbx_auth_seq_align_beg       1 
_struct_ref_seq.pdbx_auth_seq_align_end       10 
# 
_pdbx_struct_assembly.id                   1 
_pdbx_struct_assembly.details              author_defined_assembly 
_pdbx_struct_assembly.method_details       ? 
_pdbx_struct_assembly.oligomeric_details   dimeric 
_pdbx_struct_assembly.oligomeric_count     2 
# 
_pdbx_struct_assembly_gen.assembly_id       1 
_pdbx_struct_assembly_gen.oper_expression   1,2 
_pdbx_struct_assembly_gen.asym_id_list      A,B,C,D,E 
# 
loop_
_pdbx_struct_oper_list.id 
_pdbx_struct_oper_list.type 
_pdbx_struct_oper_list.name 
_pdbx_struct_oper_list.symmetry_operation 
_pdbx_struct_oper_list.matrix[1][1] 
_pdbx_struct_oper_list.matrix[1][2] 
_pdbx_struct_oper_list.matrix[1][3] 
_pdbx_struct_oper_list.vector[1] 
_pdbx_struct_oper_list.matrix[2][1] 
_pdbx_struct_oper_list.matrix[2][2] 
_pdbx_struct_oper_list.matrix[2][3] 
_pdbx_struct_oper_list.vector[2] 
_pdbx_struct_oper_list.matrix[3][1] 
_pdbx_struct_oper_list.matrix[3][2] 
_pdbx_struct_oper_list.matrix[3][3] 
_pdbx_struct_oper_list.vector[3] 
1 'identity operation'         1_555 x,y,z   1.0000000000  0.0000000000 0.0000000000  0.0000000000 0.0000000000 1.0000000000 0.0000000000  0.0000000000  0.0000000000  0.0000000000  1.0000000000  0.0000000000 
2 'crystal symmetry operation' 2_555 -x,y,-z -0.8886271974 0.4579735019 -0.0245351926 1.5217949347 0.4579735019 0.8832221464 -0.1008905926 -0.3193245793 -0.0245351926 -0.1008905926 -0.9945949490 0.9473889826 
# 
_struct_biol.id                    1 
_struct_biol.pdbx_parent_biol_id   ? 
_struct_biol.details               ? 
# 
loop_
_struct_conn.id 
_struct_conn.conn_type_id 
_struct_conn.pdbx_leaving_atom_flag 
_struct_conn.pdbx_PDB_id 
_struct_conn.ptnr1_label_asym_id 
_struct_conn.ptnr1_label_comp_id 
_struct_conn.ptnr1_label_seq_id 
_struct_conn.ptnr1_label_atom_id 
_struct_conn.pdbx_ptnr1_label_alt_id 
_struct_conn.pdbx_ptnr1_PDB_ins_code 
_struct_conn.pdbx_ptnr1_standard_comp_id 
_struct_conn.ptnr1_symmetry 
_struct_conn.ptnr2_label_asym_id 
_struct_conn.ptnr2_label_comp_id 
_struct_conn.ptnr2_label_seq_id 
_struct_conn.ptnr2_label_atom_id 
_struct_conn.pdbx_ptnr2_label_alt_id 
_struct_conn.pdbx_ptnr2_PDB_ins_code 
_struct_conn.ptnr1_auth_asym_id 
_struct_conn.ptnr1_auth_comp_id 
_struct_conn.ptnr1_auth_seq_id 
_struct_conn.ptnr2_auth_asym_id 
_struct_conn.ptnr2_auth_comp_id 
_struct_conn.ptnr2_auth_seq_id 
_struct_conn.ptnr2_symmetry 
_struct_conn.pdbx_ptnr3_label_atom_id 
_struct_conn.pdbx_ptnr3_label_seq_id 
_struct_conn.pdbx_ptnr3_label_comp_id 
_struct_conn.pdbx_ptnr3_label_asym_id 
_struct_conn.pdbx_ptnr3_label_alt_id 
_struct_conn.pdbx_ptnr3_PDB_ins_code 
_struct_conn.details 
_struct_conn.pdbx_dist_value 
_struct_conn.pdbx_value_order 
_struct_conn.pdbx_role 
metalc1  metalc ? ? A DA 6  OP2 ? ? ? 1_555 B MG  .  MG ? ? A DA 6  A MG  11 1_555 ? ? ? ? ? ? ?            2.009 ? ? 
metalc2  metalc ? ? B MG .  MG  ? ? ? 1_555 E HOH .  O  ? ? A MG 11 A HOH 14 1_555 ? ? ? ? ? ? ?            2.003 ? ? 
metalc3  metalc ? ? B MG .  MG  ? ? ? 1_555 E HOH .  O  ? ? A MG 11 A HOH 15 1_555 ? ? ? ? ? ? ?            2.036 ? ? 
metalc4  metalc ? ? B MG .  MG  ? ? ? 1_555 E HOH .  O  ? ? A MG 11 A HOH 16 1_555 ? ? ? ? ? ? ?            2.013 ? ? 
metalc5  metalc ? ? B MG .  MG  ? ? ? 1_555 E HOH .  O  ? ? A MG 11 A HOH 17 1_555 ? ? ? ? ? ? ?            1.997 ? ? 
metalc6  metalc ? ? B MG .  MG  ? ? ? 1_555 E HOH .  O  ? ? A MG 11 A HOH 18 1_555 ? ? ? ? ? ? ?            2.021 ? ? 
metalc7  metalc ? ? C MG .  MG  ? ? ? 1_555 E HOH .  O  ? ? A MG 12 A HOH 19 1_555 ? ? ? ? ? ? ?            2.002 ? ? 
metalc8  metalc ? ? C MG .  MG  ? ? ? 1_555 E HOH .  O  ? ? A MG 12 A HOH 20 1_555 ? ? ? ? ? ? ?            2.005 ? ? 
metalc9  metalc ? ? C MG .  MG  ? ? ? 1_555 E HOH .  O  ? ? A MG 12 A HOH 21 1_555 ? ? ? ? ? ? ?            2.016 ? ? 
metalc10 metalc ? ? C MG .  MG  ? ? ? 1_555 E HOH .  O  ? ? A MG 12 A HOH 22 1_555 ? ? ? ? ? ? ?            2.015 ? ? 
metalc11 metalc ? ? C MG .  MG  ? ? ? 1_555 E HOH .  O  ? ? A MG 12 A HOH 23 1_555 ? ? ? ? ? ? ?            1.995 ? ? 
metalc12 metalc ? ? C MG .  MG  ? ? ? 1_555 E HOH .  O  ? ? A MG 12 A HOH 24 1_555 ? ? ? ? ? ? ?            2.014 ? ? 
metalc13 metalc ? ? D MG .  MG  ? ? ? 1_555 E HOH .  O  ? ? A MG 13 A HOH 25 1_555 ? ? ? ? ? ? ?            1.997 ? ? 
metalc14 metalc ? ? D MG .  MG  ? ? ? 1_555 E HOH .  O  ? ? A MG 13 A HOH 26 1_555 ? ? ? ? ? ? ?            2.012 ? ? 
metalc15 metalc ? ? D MG .  MG  ? ? ? 1_555 E HOH .  O  ? ? A MG 13 A HOH 27 1_555 ? ? ? ? ? ? ?            2.020 ? ? 
metalc16 metalc ? ? D MG .  MG  ? ? ? 1_555 E HOH .  O  ? ? A MG 13 A HOH 28 1_555 ? ? ? ? ? ? ?            2.003 ? ? 
metalc17 metalc ? ? D MG .  MG  ? ? ? 1_555 E HOH .  O  ? ? A MG 13 A HOH 29 1_555 ? ? ? ? ? ? ?            2.013 ? ? 
metalc18 metalc ? ? D MG .  MG  ? ? ? 1_555 E HOH .  O  ? ? A MG 13 A HOH 30 1_555 ? ? ? ? ? ? ?            1.983 ? ? 
hydrog1  hydrog ? ? A DC 1  N3  ? ? ? 1_555 A DG  10 N1 ? ? A DC 1  A DG  10 2_555 ? ? ? ? ? ? WATSON-CRICK ?     ? ? 
hydrog2  hydrog ? ? A DC 1  N4  ? ? ? 1_555 A DG  10 O6 ? ? A DC 1  A DG  10 2_555 ? ? ? ? ? ? WATSON-CRICK ?     ? ? 
hydrog3  hydrog ? ? A DC 1  O2  ? ? ? 1_555 A DG  10 N2 ? ? A DC 1  A DG  10 2_555 ? ? ? ? ? ? WATSON-CRICK ?     ? ? 
hydrog4  hydrog ? ? A DC 2  N3  ? ? ? 1_555 A DG  9  N1 ? ? A DC 2  A DG  9  2_555 ? ? ? ? ? ? WATSON-CRICK ?     ? ? 
hydrog5  hydrog ? ? A DC 2  N4  ? ? ? 1_555 A DG  9  O6 ? ? A DC 2  A DG  9  2_555 ? ? ? ? ? ? WATSON-CRICK ?     ? ? 
hydrog6  hydrog ? ? A DC 2  O2  ? ? ? 1_555 A DG  9  N2 ? ? A DC 2  A DG  9  2_555 ? ? ? ? ? ? WATSON-CRICK ?     ? ? 
hydrog7  hydrog ? ? A DA 3  N1  ? ? ? 1_555 A DT  8  N3 ? ? A DA 3  A DT  8  2_555 ? ? ? ? ? ? WATSON-CRICK ?     ? ? 
hydrog8  hydrog ? ? A DA 3  N6  ? ? ? 1_555 A DT  8  O4 ? ? A DA 3  A DT  8  2_555 ? ? ? ? ? ? WATSON-CRICK ?     ? ? 
hydrog9  hydrog ? ? A DA 4  N1  ? ? ? 1_555 A DT  7  N3 ? ? A DA 4  A DT  7  2_555 ? ? ? ? ? ? WATSON-CRICK ?     ? ? 
hydrog10 hydrog ? ? A DA 4  N6  ? ? ? 1_555 A DT  7  O4 ? ? A DA 4  A DT  7  2_555 ? ? ? ? ? ? WATSON-CRICK ?     ? ? 
hydrog11 hydrog ? ? A DG 5  N1  ? ? ? 1_555 A DA  6  N1 ? ? A DG 5  A DA  6  2_555 ? ? ? ? ? ? TYPE_8_PAIR  ?     ? ? 
hydrog12 hydrog ? ? A DG 5  O6  ? ? ? 1_555 A DA  6  N6 ? ? A DG 5  A DA  6  2_555 ? ? ? ? ? ? TYPE_8_PAIR  ?     ? ? 
hydrog13 hydrog ? ? A DA 6  N1  ? ? ? 1_555 A DG  5  N1 ? ? A DA 6  A DG  5  2_555 ? ? ? ? ? ? TYPE_8_PAIR  ?     ? ? 
hydrog14 hydrog ? ? A DA 6  N6  ? ? ? 1_555 A DG  5  O6 ? ? A DA 6  A DG  5  2_555 ? ? ? ? ? ? TYPE_8_PAIR  ?     ? ? 
hydrog15 hydrog ? ? A DT 7  N3  ? ? ? 1_555 A DA  4  N1 ? ? A DT 7  A DA  4  2_555 ? ? ? ? ? ? WATSON-CRICK ?     ? ? 
hydrog16 hydrog ? ? A DT 7  O4  ? ? ? 1_555 A DA  4  N6 ? ? A DT 7  A DA  4  2_555 ? ? ? ? ? ? WATSON-CRICK ?     ? ? 
hydrog17 hydrog ? ? A DT 8  N3  ? ? ? 1_555 A DA  3  N1 ? ? A DT 8  A DA  3  2_555 ? ? ? ? ? ? WATSON-CRICK ?     ? ? 
hydrog18 hydrog ? ? A DT 8  O4  ? ? ? 1_555 A DA  3  N6 ? ? A DT 8  A DA  3  2_555 ? ? ? ? ? ? WATSON-CRICK ?     ? ? 
hydrog19 hydrog ? ? A DG 9  N1  ? ? ? 1_555 A DC  2  N3 ? ? A DG 9  A DC  2  2_555 ? ? ? ? ? ? WATSON-CRICK ?     ? ? 
hydrog20 hydrog ? ? A DG 9  N2  ? ? ? 1_555 A DC  2  O2 ? ? A DG 9  A DC  2  2_555 ? ? ? ? ? ? WATSON-CRICK ?     ? ? 
hydrog21 hydrog ? ? A DG 9  O6  ? ? ? 1_555 A DC  2  N4 ? ? A DG 9  A DC  2  2_555 ? ? ? ? ? ? WATSON-CRICK ?     ? ? 
hydrog22 hydrog ? ? A DG 10 N1  ? ? ? 1_555 A DC  1  N3 ? ? A DG 10 A DC  1  2_555 ? ? ? ? ? ? WATSON-CRICK ?     ? ? 
hydrog23 hydrog ? ? A DG 10 N2  ? ? ? 1_555 A DC  1  O2 ? ? A DG 10 A DC  1  2_555 ? ? ? ? ? ? WATSON-CRICK ?     ? ? 
hydrog24 hydrog ? ? A DG 10 O6  ? ? ? 1_555 A DC  1  N4 ? ? A DG 10 A DC  1  2_555 ? ? ? ? ? ? WATSON-CRICK ?     ? ? 
# 
loop_
_struct_conn_type.id 
_struct_conn_type.criteria 
_struct_conn_type.reference 
metalc ? ? 
hydrog ? ? 
# 
loop_
_pdbx_struct_conn_angle.id 
_pdbx_struct_conn_angle.ptnr1_label_atom_id 
_pdbx_struct_conn_angle.ptnr1_label_alt_id 
_pdbx_struct_conn_angle.ptnr1_label_asym_id 
_pdbx_struct_conn_angle.ptnr1_label_comp_id 
_pdbx_struct_conn_angle.ptnr1_label_seq_id 
_pdbx_struct_conn_angle.ptnr1_auth_atom_id 
_pdbx_struct_conn_angle.ptnr1_auth_asym_id 
_pdbx_struct_conn_angle.ptnr1_auth_comp_id 
_pdbx_struct_conn_angle.ptnr1_auth_seq_id 
_pdbx_struct_conn_angle.ptnr1_PDB_ins_code 
_pdbx_struct_conn_angle.ptnr1_symmetry 
_pdbx_struct_conn_angle.ptnr2_label_atom_id 
_pdbx_struct_conn_angle.ptnr2_label_alt_id 
_pdbx_struct_conn_angle.ptnr2_label_asym_id 
_pdbx_struct_conn_angle.ptnr2_label_comp_id 
_pdbx_struct_conn_angle.ptnr2_label_seq_id 
_pdbx_struct_conn_angle.ptnr2_auth_atom_id 
_pdbx_struct_conn_angle.ptnr2_auth_asym_id 
_pdbx_struct_conn_angle.ptnr2_auth_comp_id 
_pdbx_struct_conn_angle.ptnr2_auth_seq_id 
_pdbx_struct_conn_angle.ptnr2_PDB_ins_code 
_pdbx_struct_conn_angle.ptnr2_symmetry 
_pdbx_struct_conn_angle.ptnr3_label_atom_id 
_pdbx_struct_conn_angle.ptnr3_label_alt_id 
_pdbx_struct_conn_angle.ptnr3_label_asym_id 
_pdbx_struct_conn_angle.ptnr3_label_comp_id 
_pdbx_struct_conn_angle.ptnr3_label_seq_id 
_pdbx_struct_conn_angle.ptnr3_auth_atom_id 
_pdbx_struct_conn_angle.ptnr3_auth_asym_id 
_pdbx_struct_conn_angle.ptnr3_auth_comp_id 
_pdbx_struct_conn_angle.ptnr3_auth_seq_id 
_pdbx_struct_conn_angle.ptnr3_PDB_ins_code 
_pdbx_struct_conn_angle.ptnr3_symmetry 
_pdbx_struct_conn_angle.value 
_pdbx_struct_conn_angle.value_esd 
1  OP2 ? A DA  6 ? A DA  6  ? 1_555 MG ? B MG . ? A MG 11 ? 1_555 O ? E HOH . ? A HOH 14 ? 1_555 102.0 ? 
2  OP2 ? A DA  6 ? A DA  6  ? 1_555 MG ? B MG . ? A MG 11 ? 1_555 O ? E HOH . ? A HOH 15 ? 1_555 82.0  ? 
3  O   ? E HOH . ? A HOH 14 ? 1_555 MG ? B MG . ? A MG 11 ? 1_555 O ? E HOH . ? A HOH 15 ? 1_555 176.0 ? 
4  OP2 ? A DA  6 ? A DA  6  ? 1_555 MG ? B MG . ? A MG 11 ? 1_555 O ? E HOH . ? A HOH 16 ? 1_555 98.1  ? 
5  O   ? E HOH . ? A HOH 14 ? 1_555 MG ? B MG . ? A MG 11 ? 1_555 O ? E HOH . ? A HOH 16 ? 1_555 89.1  ? 
6  O   ? E HOH . ? A HOH 15 ? 1_555 MG ? B MG . ? A MG 11 ? 1_555 O ? E HOH . ? A HOH 16 ? 1_555 89.9  ? 
7  OP2 ? A DA  6 ? A DA  6  ? 1_555 MG ? B MG . ? A MG 11 ? 1_555 O ? E HOH . ? A HOH 17 ? 1_555 83.0  ? 
8  O   ? E HOH . ? A HOH 14 ? 1_555 MG ? B MG . ? A MG 11 ? 1_555 O ? E HOH . ? A HOH 17 ? 1_555 90.9  ? 
9  O   ? E HOH . ? A HOH 15 ? 1_555 MG ? B MG . ? A MG 11 ? 1_555 O ? E HOH . ? A HOH 17 ? 1_555 89.9  ? 
10 O   ? E HOH . ? A HOH 16 ? 1_555 MG ? B MG . ? A MG 11 ? 1_555 O ? E HOH . ? A HOH 17 ? 1_555 178.9 ? 
11 OP2 ? A DA  6 ? A DA  6  ? 1_555 MG ? B MG . ? A MG 11 ? 1_555 O ? E HOH . ? A HOH 18 ? 1_555 166.6 ? 
12 O   ? E HOH . ? A HOH 14 ? 1_555 MG ? B MG . ? A MG 11 ? 1_555 O ? E HOH . ? A HOH 18 ? 1_555 89.1  ? 
13 O   ? E HOH . ? A HOH 15 ? 1_555 MG ? B MG . ? A MG 11 ? 1_555 O ? E HOH . ? A HOH 18 ? 1_555 87.0  ? 
14 O   ? E HOH . ? A HOH 16 ? 1_555 MG ? B MG . ? A MG 11 ? 1_555 O ? E HOH . ? A HOH 18 ? 1_555 89.6  ? 
15 O   ? E HOH . ? A HOH 17 ? 1_555 MG ? B MG . ? A MG 11 ? 1_555 O ? E HOH . ? A HOH 18 ? 1_555 89.3  ? 
16 O   ? E HOH . ? A HOH 19 ? 1_555 MG ? C MG . ? A MG 12 ? 1_555 O ? E HOH . ? A HOH 20 ? 1_555 179.0 ? 
17 O   ? E HOH . ? A HOH 19 ? 1_555 MG ? C MG . ? A MG 12 ? 1_555 O ? E HOH . ? A HOH 21 ? 1_555 89.9  ? 
18 O   ? E HOH . ? A HOH 20 ? 1_555 MG ? C MG . ? A MG 12 ? 1_555 O ? E HOH . ? A HOH 21 ? 1_555 90.5  ? 
19 O   ? E HOH . ? A HOH 19 ? 1_555 MG ? C MG . ? A MG 12 ? 1_555 O ? E HOH . ? A HOH 22 ? 1_555 89.5  ? 
20 O   ? E HOH . ? A HOH 20 ? 1_555 MG ? C MG . ? A MG 12 ? 1_555 O ? E HOH . ? A HOH 22 ? 1_555 90.0  ? 
21 O   ? E HOH . ? A HOH 21 ? 1_555 MG ? C MG . ? A MG 12 ? 1_555 O ? E HOH . ? A HOH 22 ? 1_555 178.3 ? 
22 O   ? E HOH . ? A HOH 19 ? 1_555 MG ? C MG . ? A MG 12 ? 1_555 O ? E HOH . ? A HOH 23 ? 1_555 90.4  ? 
23 O   ? E HOH . ? A HOH 20 ? 1_555 MG ? C MG . ? A MG 12 ? 1_555 O ? E HOH . ? A HOH 23 ? 1_555 90.4  ? 
24 O   ? E HOH . ? A HOH 21 ? 1_555 MG ? C MG . ? A MG 12 ? 1_555 O ? E HOH . ? A HOH 23 ? 1_555 92.0  ? 
25 O   ? E HOH . ? A HOH 22 ? 1_555 MG ? C MG . ? A MG 12 ? 1_555 O ? E HOH . ? A HOH 23 ? 1_555 89.7  ? 
26 O   ? E HOH . ? A HOH 19 ? 1_555 MG ? C MG . ? A MG 12 ? 1_555 O ? E HOH . ? A HOH 24 ? 1_555 89.7  ? 
27 O   ? E HOH . ? A HOH 20 ? 1_555 MG ? C MG . ? A MG 12 ? 1_555 O ? E HOH . ? A HOH 24 ? 1_555 89.5  ? 
28 O   ? E HOH . ? A HOH 21 ? 1_555 MG ? C MG . ? A MG 12 ? 1_555 O ? E HOH . ? A HOH 24 ? 1_555 89.3  ? 
29 O   ? E HOH . ? A HOH 22 ? 1_555 MG ? C MG . ? A MG 12 ? 1_555 O ? E HOH . ? A HOH 24 ? 1_555 89.1  ? 
30 O   ? E HOH . ? A HOH 23 ? 1_555 MG ? C MG . ? A MG 12 ? 1_555 O ? E HOH . ? A HOH 24 ? 1_555 178.8 ? 
31 O   ? E HOH . ? A HOH 25 ? 1_555 MG ? D MG . ? A MG 13 ? 1_555 O ? E HOH . ? A HOH 26 ? 1_555 179.2 ? 
32 O   ? E HOH . ? A HOH 25 ? 1_555 MG ? D MG . ? A MG 13 ? 1_555 O ? E HOH . ? A HOH 27 ? 1_555 90.0  ? 
33 O   ? E HOH . ? A HOH 26 ? 1_555 MG ? D MG . ? A MG 13 ? 1_555 O ? E HOH . ? A HOH 27 ? 1_555 89.3  ? 
34 O   ? E HOH . ? A HOH 25 ? 1_555 MG ? D MG . ? A MG 13 ? 1_555 O ? E HOH . ? A HOH 28 ? 1_555 88.4  ? 
35 O   ? E HOH . ? A HOH 26 ? 1_555 MG ? D MG . ? A MG 13 ? 1_555 O ? E HOH . ? A HOH 28 ? 1_555 92.2  ? 
36 O   ? E HOH . ? A HOH 27 ? 1_555 MG ? D MG . ? A MG 13 ? 1_555 O ? E HOH . ? A HOH 28 ? 1_555 176.3 ? 
37 O   ? E HOH . ? A HOH 25 ? 1_555 MG ? D MG . ? A MG 13 ? 1_555 O ? E HOH . ? A HOH 29 ? 1_555 90.4  ? 
38 O   ? E HOH . ? A HOH 26 ? 1_555 MG ? D MG . ? A MG 13 ? 1_555 O ? E HOH . ? A HOH 29 ? 1_555 89.1  ? 
39 O   ? E HOH . ? A HOH 27 ? 1_555 MG ? D MG . ? A MG 13 ? 1_555 O ? E HOH . ? A HOH 29 ? 1_555 88.3  ? 
40 O   ? E HOH . ? A HOH 28 ? 1_555 MG ? D MG . ? A MG 13 ? 1_555 O ? E HOH . ? A HOH 29 ? 1_555 88.3  ? 
41 O   ? E HOH . ? A HOH 25 ? 1_555 MG ? D MG . ? A MG 13 ? 1_555 O ? E HOH . ? A HOH 30 ? 1_555 89.2  ? 
42 O   ? E HOH . ? A HOH 26 ? 1_555 MG ? D MG . ? A MG 13 ? 1_555 O ? E HOH . ? A HOH 30 ? 1_555 91.3  ? 
43 O   ? E HOH . ? A HOH 27 ? 1_555 MG ? D MG . ? A MG 13 ? 1_555 O ? E HOH . ? A HOH 30 ? 1_555 89.6  ? 
44 O   ? E HOH . ? A HOH 28 ? 1_555 MG ? D MG . ? A MG 13 ? 1_555 O ? E HOH . ? A HOH 30 ? 1_555 93.7  ? 
45 O   ? E HOH . ? A HOH 29 ? 1_555 MG ? D MG . ? A MG 13 ? 1_555 O ? E HOH . ? A HOH 30 ? 1_555 177.9 ? 
# 
loop_
_struct_site.id 
_struct_site.pdbx_evidence_code 
_struct_site.pdbx_auth_asym_id 
_struct_site.pdbx_auth_comp_id 
_struct_site.pdbx_auth_seq_id 
_struct_site.pdbx_auth_ins_code 
_struct_site.pdbx_num_residues 
_struct_site.details 
AC1 Software A MG 11 ? 6 'BINDING SITE FOR RESIDUE MG A 11' 
AC2 Software A MG 12 ? 6 'BINDING SITE FOR RESIDUE MG A 12' 
AC3 Software A MG 13 ? 6 'BINDING SITE FOR RESIDUE MG A 13' 
# 
loop_
_struct_site_gen.id 
_struct_site_gen.site_id 
_struct_site_gen.pdbx_num_res 
_struct_site_gen.label_comp_id 
_struct_site_gen.label_asym_id 
_struct_site_gen.label_seq_id 
_struct_site_gen.pdbx_auth_ins_code 
_struct_site_gen.auth_comp_id 
_struct_site_gen.auth_asym_id 
_struct_site_gen.auth_seq_id 
_struct_site_gen.label_atom_id 
_struct_site_gen.label_alt_id 
_struct_site_gen.symmetry 
_struct_site_gen.details 
1  AC1 6 DA  A 6 ? DA  A 6  . ? 1_555 ? 
2  AC1 6 HOH E . ? HOH A 14 . ? 1_555 ? 
3  AC1 6 HOH E . ? HOH A 15 . ? 1_555 ? 
4  AC1 6 HOH E . ? HOH A 16 . ? 1_555 ? 
5  AC1 6 HOH E . ? HOH A 17 . ? 1_555 ? 
6  AC1 6 HOH E . ? HOH A 18 . ? 1_555 ? 
7  AC2 6 HOH E . ? HOH A 19 . ? 1_555 ? 
8  AC2 6 HOH E . ? HOH A 20 . ? 1_555 ? 
9  AC2 6 HOH E . ? HOH A 21 . ? 1_555 ? 
10 AC2 6 HOH E . ? HOH A 22 . ? 1_555 ? 
11 AC2 6 HOH E . ? HOH A 23 . ? 1_555 ? 
12 AC2 6 HOH E . ? HOH A 24 . ? 1_555 ? 
13 AC3 6 HOH E . ? HOH A 25 . ? 1_555 ? 
14 AC3 6 HOH E . ? HOH A 26 . ? 1_555 ? 
15 AC3 6 HOH E . ? HOH A 27 . ? 1_555 ? 
16 AC3 6 HOH E . ? HOH A 28 . ? 1_555 ? 
17 AC3 6 HOH E . ? HOH A 29 . ? 1_555 ? 
18 AC3 6 HOH E . ? HOH A 30 . ? 1_555 ? 
# 
loop_
_pdbx_validate_rmsd_bond.id 
_pdbx_validate_rmsd_bond.PDB_model_num 
_pdbx_validate_rmsd_bond.auth_atom_id_1 
_pdbx_validate_rmsd_bond.auth_asym_id_1 
_pdbx_validate_rmsd_bond.auth_comp_id_1 
_pdbx_validate_rmsd_bond.auth_seq_id_1 
_pdbx_validate_rmsd_bond.PDB_ins_code_1 
_pdbx_validate_rmsd_bond.label_alt_id_1 
_pdbx_validate_rmsd_bond.auth_atom_id_2 
_pdbx_validate_rmsd_bond.auth_asym_id_2 
_pdbx_validate_rmsd_bond.auth_comp_id_2 
_pdbx_validate_rmsd_bond.auth_seq_id_2 
_pdbx_validate_rmsd_bond.PDB_ins_code_2 
_pdbx_validate_rmsd_bond.label_alt_id_2 
_pdbx_validate_rmsd_bond.bond_value 
_pdbx_validate_rmsd_bond.bond_target_value 
_pdbx_validate_rmsd_bond.bond_deviation 
_pdbx_validate_rmsd_bond.bond_standard_deviation 
_pdbx_validate_rmsd_bond.linker_flag 
1 1 C4    A DC 1 ? ? C5    A DC 1 ? ? 1.475 1.425 0.050  0.008 N 
2 1 "O4'" A DA 3 ? ? "C1'" A DA 3 ? ? 1.490 1.420 0.070  0.011 N 
3 1 "O4'" A DA 3 ? ? "C4'" A DA 3 ? ? 1.382 1.446 -0.064 0.010 N 
4 1 "C2'" A DT 7 ? ? "C1'" A DT 7 ? ? 1.445 1.518 -0.073 0.010 N 
5 1 "O4'" A DT 7 ? ? "C1'" A DT 7 ? ? 1.506 1.420 0.086  0.011 N 
6 1 "O4'" A DT 8 ? ? "C1'" A DT 8 ? ? 1.496 1.420 0.076  0.011 N 
7 1 C4    A DT 8 ? ? O4    A DT 8 ? ? 1.290 1.228 0.062  0.009 N 
# 
loop_
_pdbx_validate_rmsd_angle.id 
_pdbx_validate_rmsd_angle.PDB_model_num 
_pdbx_validate_rmsd_angle.auth_atom_id_1 
_pdbx_validate_rmsd_angle.auth_asym_id_1 
_pdbx_validate_rmsd_angle.auth_comp_id_1 
_pdbx_validate_rmsd_angle.auth_seq_id_1 
_pdbx_validate_rmsd_angle.PDB_ins_code_1 
_pdbx_validate_rmsd_angle.label_alt_id_1 
_pdbx_validate_rmsd_angle.auth_atom_id_2 
_pdbx_validate_rmsd_angle.auth_asym_id_2 
_pdbx_validate_rmsd_angle.auth_comp_id_2 
_pdbx_validate_rmsd_angle.auth_seq_id_2 
_pdbx_validate_rmsd_angle.PDB_ins_code_2 
_pdbx_validate_rmsd_angle.label_alt_id_2 
_pdbx_validate_rmsd_angle.auth_atom_id_3 
_pdbx_validate_rmsd_angle.auth_asym_id_3 
_pdbx_validate_rmsd_angle.auth_comp_id_3 
_pdbx_validate_rmsd_angle.auth_seq_id_3 
_pdbx_validate_rmsd_angle.PDB_ins_code_3 
_pdbx_validate_rmsd_angle.label_alt_id_3 
_pdbx_validate_rmsd_angle.angle_value 
_pdbx_validate_rmsd_angle.angle_target_value 
_pdbx_validate_rmsd_angle.angle_deviation 
_pdbx_validate_rmsd_angle.angle_standard_deviation 
_pdbx_validate_rmsd_angle.linker_flag 
1  1 C2    A DC 1  ? ? N3    A DC 1  ? ? C4    A DC 1  ? ? 124.01 119.90 4.11   0.50 N 
2  1 N3    A DC 1  ? ? C4    A DC 1  ? ? C5    A DC 1  ? ? 118.44 121.90 -3.46  0.40 N 
3  1 N3    A DC 1  ? ? C4    A DC 1  ? ? N4    A DC 1  ? ? 122.90 118.00 4.90   0.70 N 
4  1 C6    A DC 2  ? ? N1    A DC 2  ? ? C2    A DC 2  ? ? 117.05 120.30 -3.25  0.40 N 
5  1 N3    A DC 2  ? ? C4    A DC 2  ? ? C5    A DC 2  ? ? 117.54 121.90 -4.36  0.40 N 
6  1 "O4'" A DA 3  ? ? "C1'" A DA 3  ? ? N9    A DA 3  ? ? 103.04 108.00 -4.96  0.70 N 
7  1 N1    A DA 3  ? ? C2    A DA 3  ? ? N3    A DA 3  ? ? 124.68 129.30 -4.62  0.50 N 
8  1 "O5'" A DA 4  ? ? "C5'" A DA 4  ? ? "C4'" A DA 4  ? ? 104.16 109.40 -5.24  0.80 N 
9  1 C6    A DA 4  ? ? N1    A DA 4  ? ? C2    A DA 4  ? ? 122.38 118.60 3.78   0.60 N 
10 1 N1    A DA 4  ? ? C2    A DA 4  ? ? N3    A DA 4  ? ? 123.16 129.30 -6.14  0.50 N 
11 1 "O5'" A DG 5  ? ? "C5'" A DG 5  ? ? "C4'" A DG 5  ? ? 104.25 109.40 -5.15  0.80 N 
12 1 "C3'" A DG 5  ? ? "C2'" A DG 5  ? ? "C1'" A DG 5  ? ? 97.46  102.40 -4.94  0.80 N 
13 1 "O4'" A DG 5  ? ? "C1'" A DG 5  ? ? N9    A DG 5  ? ? 114.68 108.30 6.38   0.30 N 
14 1 C5    A DG 5  ? ? C6    A DG 5  ? ? N1    A DG 5  ? ? 114.56 111.50 3.06   0.50 N 
15 1 C6    A DA 6  ? ? N1    A DA 6  ? ? C2    A DA 6  ? ? 122.72 118.60 4.12   0.60 N 
16 1 C5    A DA 6  ? ? C6    A DA 6  ? ? N1    A DA 6  ? ? 113.44 117.70 -4.26  0.50 N 
17 1 "O4'" A DT 7  ? ? "C1'" A DT 7  ? ? N1    A DT 7  ? ? 103.71 108.00 -4.29  0.70 N 
18 1 N1    A DT 7  ? ? C2    A DT 7  ? ? N3    A DT 7  ? ? 119.29 114.60 4.69   0.60 N 
19 1 C2    A DT 7  ? ? N3    A DT 7  ? ? C4    A DT 7  ? ? 121.34 127.20 -5.86  0.60 N 
20 1 N3    A DT 7  ? ? C4    A DT 7  ? ? C5    A DT 7  ? ? 119.20 115.20 4.00   0.60 N 
21 1 N1    A DT 8  ? ? C2    A DT 8  ? ? N3    A DT 8  ? ? 120.44 114.60 5.84   0.60 N 
22 1 C2    A DT 8  ? ? N3    A DT 8  ? ? C4    A DT 8  ? ? 119.65 127.20 -7.55  0.60 N 
23 1 N3    A DT 8  ? ? C4    A DT 8  ? ? C5    A DT 8  ? ? 120.86 115.20 5.66   0.60 N 
24 1 N3    A DT 8  ? ? C4    A DT 8  ? ? O4    A DT 8  ? ? 114.75 119.90 -5.15  0.60 N 
25 1 OP1   A DG 9  ? ? P     A DG 9  ? ? OP2   A DG 9  ? ? 108.99 119.60 -10.61 1.50 N 
26 1 "O4'" A DG 9  ? ? "C1'" A DG 9  ? ? N9    A DG 9  ? ? 102.78 108.00 -5.22  0.70 N 
27 1 C6    A DG 9  ? ? N1    A DG 9  ? ? C2    A DG 9  ? ? 121.41 125.10 -3.69  0.60 N 
28 1 C5    A DG 9  ? ? C6    A DG 9  ? ? N1    A DG 9  ? ? 115.38 111.50 3.88   0.50 N 
29 1 C6    A DG 10 ? ? N1    A DG 10 ? ? C2    A DG 10 ? ? 121.20 125.10 -3.90  0.60 N 
30 1 C5    A DG 10 ? ? C6    A DG 10 ? ? N1    A DG 10 ? ? 116.19 111.50 4.69   0.50 N 
# 
loop_
_refine_B_iso.class 
_refine_B_iso.details 
_refine_B_iso.treatment 
_refine_B_iso.pdbx_refine_id 
'ALL ATOMS'  TR isotropic 'X-RAY DIFFRACTION' 
'ALL WATERS' TR isotropic 'X-RAY DIFFRACTION' 
# 
loop_
_refine_occupancy.class 
_refine_occupancy.treatment 
_refine_occupancy.pdbx_refine_id 
'ALL ATOMS'  fix 'X-RAY DIFFRACTION' 
'ALL WATERS' ref 'X-RAY DIFFRACTION' 
# 
loop_
_chem_comp_atom.comp_id 
_chem_comp_atom.atom_id 
_chem_comp_atom.type_symbol 
_chem_comp_atom.pdbx_aromatic_flag 
_chem_comp_atom.pdbx_stereo_config 
_chem_comp_atom.pdbx_ordinal 
DA  OP3    O  N N 1   
DA  P      P  N N 2   
DA  OP1    O  N N 3   
DA  OP2    O  N N 4   
DA  "O5'"  O  N N 5   
DA  "C5'"  C  N N 6   
DA  "C4'"  C  N R 7   
DA  "O4'"  O  N N 8   
DA  "C3'"  C  N S 9   
DA  "O3'"  O  N N 10  
DA  "C2'"  C  N N 11  
DA  "C1'"  C  N R 12  
DA  N9     N  Y N 13  
DA  C8     C  Y N 14  
DA  N7     N  Y N 15  
DA  C5     C  Y N 16  
DA  C6     C  Y N 17  
DA  N6     N  N N 18  
DA  N1     N  Y N 19  
DA  C2     C  Y N 20  
DA  N3     N  Y N 21  
DA  C4     C  Y N 22  
DA  HOP3   H  N N 23  
DA  HOP2   H  N N 24  
DA  "H5'"  H  N N 25  
DA  "H5''" H  N N 26  
DA  "H4'"  H  N N 27  
DA  "H3'"  H  N N 28  
DA  "HO3'" H  N N 29  
DA  "H2'"  H  N N 30  
DA  "H2''" H  N N 31  
DA  "H1'"  H  N N 32  
DA  H8     H  N N 33  
DA  H61    H  N N 34  
DA  H62    H  N N 35  
DA  H2     H  N N 36  
DC  OP3    O  N N 37  
DC  P      P  N N 38  
DC  OP1    O  N N 39  
DC  OP2    O  N N 40  
DC  "O5'"  O  N N 41  
DC  "C5'"  C  N N 42  
DC  "C4'"  C  N R 43  
DC  "O4'"  O  N N 44  
DC  "C3'"  C  N S 45  
DC  "O3'"  O  N N 46  
DC  "C2'"  C  N N 47  
DC  "C1'"  C  N R 48  
DC  N1     N  N N 49  
DC  C2     C  N N 50  
DC  O2     O  N N 51  
DC  N3     N  N N 52  
DC  C4     C  N N 53  
DC  N4     N  N N 54  
DC  C5     C  N N 55  
DC  C6     C  N N 56  
DC  HOP3   H  N N 57  
DC  HOP2   H  N N 58  
DC  "H5'"  H  N N 59  
DC  "H5''" H  N N 60  
DC  "H4'"  H  N N 61  
DC  "H3'"  H  N N 62  
DC  "HO3'" H  N N 63  
DC  "H2'"  H  N N 64  
DC  "H2''" H  N N 65  
DC  "H1'"  H  N N 66  
DC  H41    H  N N 67  
DC  H42    H  N N 68  
DC  H5     H  N N 69  
DC  H6     H  N N 70  
DG  OP3    O  N N 71  
DG  P      P  N N 72  
DG  OP1    O  N N 73  
DG  OP2    O  N N 74  
DG  "O5'"  O  N N 75  
DG  "C5'"  C  N N 76  
DG  "C4'"  C  N R 77  
DG  "O4'"  O  N N 78  
DG  "C3'"  C  N S 79  
DG  "O3'"  O  N N 80  
DG  "C2'"  C  N N 81  
DG  "C1'"  C  N R 82  
DG  N9     N  Y N 83  
DG  C8     C  Y N 84  
DG  N7     N  Y N 85  
DG  C5     C  Y N 86  
DG  C6     C  N N 87  
DG  O6     O  N N 88  
DG  N1     N  N N 89  
DG  C2     C  N N 90  
DG  N2     N  N N 91  
DG  N3     N  N N 92  
DG  C4     C  Y N 93  
DG  HOP3   H  N N 94  
DG  HOP2   H  N N 95  
DG  "H5'"  H  N N 96  
DG  "H5''" H  N N 97  
DG  "H4'"  H  N N 98  
DG  "H3'"  H  N N 99  
DG  "HO3'" H  N N 100 
DG  "H2'"  H  N N 101 
DG  "H2''" H  N N 102 
DG  "H1'"  H  N N 103 
DG  H8     H  N N 104 
DG  H1     H  N N 105 
DG  H21    H  N N 106 
DG  H22    H  N N 107 
DT  OP3    O  N N 108 
DT  P      P  N N 109 
DT  OP1    O  N N 110 
DT  OP2    O  N N 111 
DT  "O5'"  O  N N 112 
DT  "C5'"  C  N N 113 
DT  "C4'"  C  N R 114 
DT  "O4'"  O  N N 115 
DT  "C3'"  C  N S 116 
DT  "O3'"  O  N N 117 
DT  "C2'"  C  N N 118 
DT  "C1'"  C  N R 119 
DT  N1     N  N N 120 
DT  C2     C  N N 121 
DT  O2     O  N N 122 
DT  N3     N  N N 123 
DT  C4     C  N N 124 
DT  O4     O  N N 125 
DT  C5     C  N N 126 
DT  C7     C  N N 127 
DT  C6     C  N N 128 
DT  HOP3   H  N N 129 
DT  HOP2   H  N N 130 
DT  "H5'"  H  N N 131 
DT  "H5''" H  N N 132 
DT  "H4'"  H  N N 133 
DT  "H3'"  H  N N 134 
DT  "HO3'" H  N N 135 
DT  "H2'"  H  N N 136 
DT  "H2''" H  N N 137 
DT  "H1'"  H  N N 138 
DT  H3     H  N N 139 
DT  H71    H  N N 140 
DT  H72    H  N N 141 
DT  H73    H  N N 142 
DT  H6     H  N N 143 
HOH O      O  N N 144 
HOH H1     H  N N 145 
HOH H2     H  N N 146 
MG  MG     MG N N 147 
# 
loop_
_chem_comp_bond.comp_id 
_chem_comp_bond.atom_id_1 
_chem_comp_bond.atom_id_2 
_chem_comp_bond.value_order 
_chem_comp_bond.pdbx_aromatic_flag 
_chem_comp_bond.pdbx_stereo_config 
_chem_comp_bond.pdbx_ordinal 
DA  OP3   P      sing N N 1   
DA  OP3   HOP3   sing N N 2   
DA  P     OP1    doub N N 3   
DA  P     OP2    sing N N 4   
DA  P     "O5'"  sing N N 5   
DA  OP2   HOP2   sing N N 6   
DA  "O5'" "C5'"  sing N N 7   
DA  "C5'" "C4'"  sing N N 8   
DA  "C5'" "H5'"  sing N N 9   
DA  "C5'" "H5''" sing N N 10  
DA  "C4'" "O4'"  sing N N 11  
DA  "C4'" "C3'"  sing N N 12  
DA  "C4'" "H4'"  sing N N 13  
DA  "O4'" "C1'"  sing N N 14  
DA  "C3'" "O3'"  sing N N 15  
DA  "C3'" "C2'"  sing N N 16  
DA  "C3'" "H3'"  sing N N 17  
DA  "O3'" "HO3'" sing N N 18  
DA  "C2'" "C1'"  sing N N 19  
DA  "C2'" "H2'"  sing N N 20  
DA  "C2'" "H2''" sing N N 21  
DA  "C1'" N9     sing N N 22  
DA  "C1'" "H1'"  sing N N 23  
DA  N9    C8     sing Y N 24  
DA  N9    C4     sing Y N 25  
DA  C8    N7     doub Y N 26  
DA  C8    H8     sing N N 27  
DA  N7    C5     sing Y N 28  
DA  C5    C6     sing Y N 29  
DA  C5    C4     doub Y N 30  
DA  C6    N6     sing N N 31  
DA  C6    N1     doub Y N 32  
DA  N6    H61    sing N N 33  
DA  N6    H62    sing N N 34  
DA  N1    C2     sing Y N 35  
DA  C2    N3     doub Y N 36  
DA  C2    H2     sing N N 37  
DA  N3    C4     sing Y N 38  
DC  OP3   P      sing N N 39  
DC  OP3   HOP3   sing N N 40  
DC  P     OP1    doub N N 41  
DC  P     OP2    sing N N 42  
DC  P     "O5'"  sing N N 43  
DC  OP2   HOP2   sing N N 44  
DC  "O5'" "C5'"  sing N N 45  
DC  "C5'" "C4'"  sing N N 46  
DC  "C5'" "H5'"  sing N N 47  
DC  "C5'" "H5''" sing N N 48  
DC  "C4'" "O4'"  sing N N 49  
DC  "C4'" "C3'"  sing N N 50  
DC  "C4'" "H4'"  sing N N 51  
DC  "O4'" "C1'"  sing N N 52  
DC  "C3'" "O3'"  sing N N 53  
DC  "C3'" "C2'"  sing N N 54  
DC  "C3'" "H3'"  sing N N 55  
DC  "O3'" "HO3'" sing N N 56  
DC  "C2'" "C1'"  sing N N 57  
DC  "C2'" "H2'"  sing N N 58  
DC  "C2'" "H2''" sing N N 59  
DC  "C1'" N1     sing N N 60  
DC  "C1'" "H1'"  sing N N 61  
DC  N1    C2     sing N N 62  
DC  N1    C6     sing N N 63  
DC  C2    O2     doub N N 64  
DC  C2    N3     sing N N 65  
DC  N3    C4     doub N N 66  
DC  C4    N4     sing N N 67  
DC  C4    C5     sing N N 68  
DC  N4    H41    sing N N 69  
DC  N4    H42    sing N N 70  
DC  C5    C6     doub N N 71  
DC  C5    H5     sing N N 72  
DC  C6    H6     sing N N 73  
DG  OP3   P      sing N N 74  
DG  OP3   HOP3   sing N N 75  
DG  P     OP1    doub N N 76  
DG  P     OP2    sing N N 77  
DG  P     "O5'"  sing N N 78  
DG  OP2   HOP2   sing N N 79  
DG  "O5'" "C5'"  sing N N 80  
DG  "C5'" "C4'"  sing N N 81  
DG  "C5'" "H5'"  sing N N 82  
DG  "C5'" "H5''" sing N N 83  
DG  "C4'" "O4'"  sing N N 84  
DG  "C4'" "C3'"  sing N N 85  
DG  "C4'" "H4'"  sing N N 86  
DG  "O4'" "C1'"  sing N N 87  
DG  "C3'" "O3'"  sing N N 88  
DG  "C3'" "C2'"  sing N N 89  
DG  "C3'" "H3'"  sing N N 90  
DG  "O3'" "HO3'" sing N N 91  
DG  "C2'" "C1'"  sing N N 92  
DG  "C2'" "H2'"  sing N N 93  
DG  "C2'" "H2''" sing N N 94  
DG  "C1'" N9     sing N N 95  
DG  "C1'" "H1'"  sing N N 96  
DG  N9    C8     sing Y N 97  
DG  N9    C4     sing Y N 98  
DG  C8    N7     doub Y N 99  
DG  C8    H8     sing N N 100 
DG  N7    C5     sing Y N 101 
DG  C5    C6     sing N N 102 
DG  C5    C4     doub Y N 103 
DG  C6    O6     doub N N 104 
DG  C6    N1     sing N N 105 
DG  N1    C2     sing N N 106 
DG  N1    H1     sing N N 107 
DG  C2    N2     sing N N 108 
DG  C2    N3     doub N N 109 
DG  N2    H21    sing N N 110 
DG  N2    H22    sing N N 111 
DG  N3    C4     sing N N 112 
DT  OP3   P      sing N N 113 
DT  OP3   HOP3   sing N N 114 
DT  P     OP1    doub N N 115 
DT  P     OP2    sing N N 116 
DT  P     "O5'"  sing N N 117 
DT  OP2   HOP2   sing N N 118 
DT  "O5'" "C5'"  sing N N 119 
DT  "C5'" "C4'"  sing N N 120 
DT  "C5'" "H5'"  sing N N 121 
DT  "C5'" "H5''" sing N N 122 
DT  "C4'" "O4'"  sing N N 123 
DT  "C4'" "C3'"  sing N N 124 
DT  "C4'" "H4'"  sing N N 125 
DT  "O4'" "C1'"  sing N N 126 
DT  "C3'" "O3'"  sing N N 127 
DT  "C3'" "C2'"  sing N N 128 
DT  "C3'" "H3'"  sing N N 129 
DT  "O3'" "HO3'" sing N N 130 
DT  "C2'" "C1'"  sing N N 131 
DT  "C2'" "H2'"  sing N N 132 
DT  "C2'" "H2''" sing N N 133 
DT  "C1'" N1     sing N N 134 
DT  "C1'" "H1'"  sing N N 135 
DT  N1    C2     sing N N 136 
DT  N1    C6     sing N N 137 
DT  C2    O2     doub N N 138 
DT  C2    N3     sing N N 139 
DT  N3    C4     sing N N 140 
DT  N3    H3     sing N N 141 
DT  C4    O4     doub N N 142 
DT  C4    C5     sing N N 143 
DT  C5    C7     sing N N 144 
DT  C5    C6     doub N N 145 
DT  C7    H71    sing N N 146 
DT  C7    H72    sing N N 147 
DT  C7    H73    sing N N 148 
DT  C6    H6     sing N N 149 
HOH O     H1     sing N N 150 
HOH O     H2     sing N N 151 
# 
loop_
_ndb_struct_conf_na.entry_id 
_ndb_struct_conf_na.feature 
3DNB 'b-form double helix'  
3DNB 'mismatched base pair' 
# 
loop_
_ndb_struct_na_base_pair.model_number 
_ndb_struct_na_base_pair.i_label_asym_id 
_ndb_struct_na_base_pair.i_label_comp_id 
_ndb_struct_na_base_pair.i_label_seq_id 
_ndb_struct_na_base_pair.i_symmetry 
_ndb_struct_na_base_pair.j_label_asym_id 
_ndb_struct_na_base_pair.j_label_comp_id 
_ndb_struct_na_base_pair.j_label_seq_id 
_ndb_struct_na_base_pair.j_symmetry 
_ndb_struct_na_base_pair.shear 
_ndb_struct_na_base_pair.stretch 
_ndb_struct_na_base_pair.stagger 
_ndb_struct_na_base_pair.buckle 
_ndb_struct_na_base_pair.propeller 
_ndb_struct_na_base_pair.opening 
_ndb_struct_na_base_pair.pair_number 
_ndb_struct_na_base_pair.pair_name 
_ndb_struct_na_base_pair.i_auth_asym_id 
_ndb_struct_na_base_pair.i_auth_seq_id 
_ndb_struct_na_base_pair.i_PDB_ins_code 
_ndb_struct_na_base_pair.j_auth_asym_id 
_ndb_struct_na_base_pair.j_auth_seq_id 
_ndb_struct_na_base_pair.j_PDB_ins_code 
_ndb_struct_na_base_pair.hbond_type_28 
_ndb_struct_na_base_pair.hbond_type_12 
1 A DC 1  1_555 A DG 10 2_555 0.115  -0.154 0.214  -7.984 -12.404 -2.174  1  A_DC1:DG10_A A 1  ? A 10 ? 19 1 
1 A DC 2  1_555 A DG 9  2_555 0.290  -0.162 0.108  1.217  -8.719  -1.701  2  A_DC2:DG9_A  A 2  ? A 9  ? 19 1 
1 A DA 3  1_555 A DT 8  2_555 0.119  -0.033 0.090  1.112  -9.304  1.621   3  A_DA3:DT8_A  A 3  ? A 8  ? 20 1 
1 A DA 4  1_555 A DT 7  2_555 0.117  -0.024 -0.071 5.547  -17.667 0.540   4  A_DA4:DT7_A  A 4  ? A 7  ? 20 1 
1 A DG 5  1_555 A DA 6  2_555 -0.003 1.409  -0.524 5.304  -24.046 -11.226 5  A_DG5:DA6_A  A 5  ? A 6  ? 8  ? 
1 A DA 6  1_555 A DG 5  2_555 0.003  1.409  -0.524 -5.304 -24.046 -11.226 6  A_DA6:DG5_A  A 6  ? A 5  ? 8  ? 
1 A DT 7  1_555 A DA 4  2_555 -0.117 -0.024 -0.071 -5.547 -17.667 0.540   7  A_DT7:DA4_A  A 7  ? A 4  ? 20 1 
1 A DT 8  1_555 A DA 3  2_555 -0.119 -0.033 0.090  -1.112 -9.304  1.621   8  A_DT8:DA3_A  A 8  ? A 3  ? 20 1 
1 A DG 9  1_555 A DC 2  2_555 -0.290 -0.162 0.108  -1.218 -8.719  -1.701  9  A_DG9:DC2_A  A 9  ? A 2  ? 19 1 
1 A DG 10 1_555 A DC 1  2_555 -0.115 -0.154 0.214  7.984  -12.404 -2.174  10 A_DG10:DC1_A A 10 ? A 1  ? 19 1 
# 
loop_
_ndb_struct_na_base_pair_step.model_number 
_ndb_struct_na_base_pair_step.i_label_asym_id_1 
_ndb_struct_na_base_pair_step.i_label_comp_id_1 
_ndb_struct_na_base_pair_step.i_label_seq_id_1 
_ndb_struct_na_base_pair_step.i_symmetry_1 
_ndb_struct_na_base_pair_step.j_label_asym_id_1 
_ndb_struct_na_base_pair_step.j_label_comp_id_1 
_ndb_struct_na_base_pair_step.j_label_seq_id_1 
_ndb_struct_na_base_pair_step.j_symmetry_1 
_ndb_struct_na_base_pair_step.i_label_asym_id_2 
_ndb_struct_na_base_pair_step.i_label_comp_id_2 
_ndb_struct_na_base_pair_step.i_label_seq_id_2 
_ndb_struct_na_base_pair_step.i_symmetry_2 
_ndb_struct_na_base_pair_step.j_label_asym_id_2 
_ndb_struct_na_base_pair_step.j_label_comp_id_2 
_ndb_struct_na_base_pair_step.j_label_seq_id_2 
_ndb_struct_na_base_pair_step.j_symmetry_2 
_ndb_struct_na_base_pair_step.shift 
_ndb_struct_na_base_pair_step.slide 
_ndb_struct_na_base_pair_step.rise 
_ndb_struct_na_base_pair_step.tilt 
_ndb_struct_na_base_pair_step.roll 
_ndb_struct_na_base_pair_step.twist 
_ndb_struct_na_base_pair_step.x_displacement 
_ndb_struct_na_base_pair_step.y_displacement 
_ndb_struct_na_base_pair_step.helical_rise 
_ndb_struct_na_base_pair_step.inclination 
_ndb_struct_na_base_pair_step.tip 
_ndb_struct_na_base_pair_step.helical_twist 
_ndb_struct_na_base_pair_step.step_number 
_ndb_struct_na_base_pair_step.step_name 
_ndb_struct_na_base_pair_step.i_auth_asym_id_1 
_ndb_struct_na_base_pair_step.i_auth_seq_id_1 
_ndb_struct_na_base_pair_step.i_PDB_ins_code_1 
_ndb_struct_na_base_pair_step.j_auth_asym_id_1 
_ndb_struct_na_base_pair_step.j_auth_seq_id_1 
_ndb_struct_na_base_pair_step.j_PDB_ins_code_1 
_ndb_struct_na_base_pair_step.i_auth_asym_id_2 
_ndb_struct_na_base_pair_step.i_auth_seq_id_2 
_ndb_struct_na_base_pair_step.i_PDB_ins_code_2 
_ndb_struct_na_base_pair_step.j_auth_asym_id_2 
_ndb_struct_na_base_pair_step.j_auth_seq_id_2 
_ndb_struct_na_base_pair_step.j_PDB_ins_code_2 
1 A DC 1 1_555 A DG 10 2_555 A DC 2  1_555 A DG 9 2_555 -0.399 0.237 3.167 1.497  4.893  29.269 -0.536 1.084  3.141 9.591  -2.934 
29.703 1 AA_DC1DC2:DG9DG10_AA A 1 ? A 10 ? A 2  ? A 9 ? 
1 A DC 2 1_555 A DG 9  2_555 A DA 3  1_555 A DT 8 2_555 0.184  2.769 3.358 1.842  -8.234 49.307 3.853  -0.089 2.894 -9.786 -2.189 
49.980 2 AA_DC2DA3:DT8DG9_AA  A 2 ? A 9  ? A 3  ? A 8 ? 
1 A DA 3 1_555 A DT 8  2_555 A DA 4  1_555 A DT 7 2_555 0.356  0.835 3.433 -1.431 14.984 25.350 -1.955 -1.044 3.368 30.913 2.952  
29.419 3 AA_DA3DA4:DT7DT8_AA  A 3 ? A 8  ? A 4  ? A 7 ? 
1 A DA 4 1_555 A DT 7  2_555 A DG 5  1_555 A DA 6 2_555 -1.211 0.267 3.192 1.043  -0.628 33.479 0.564  2.267  3.149 -1.089 -1.810 
33.500 4 AA_DA4DG5:DA6DT7_AA  A 4 ? A 7  ? A 5  ? A 6 ? 
1 A DG 5 1_555 A DA 6  2_555 A DA 6  1_555 A DG 5 2_555 0.000  1.478 3.326 0.000  -2.380 42.547 2.275  0.000  3.243 -3.276 0.000  
42.611 5 AA_DG5DA6:DG5DA6_AA  A 5 ? A 6  ? A 6  ? A 5 ? 
1 A DA 6 1_555 A DG 5  2_555 A DT 7  1_555 A DA 4 2_555 1.211  0.267 3.192 -1.043 -0.628 33.479 0.564  -2.267 3.149 -1.089 1.810  
33.500 6 AA_DA6DT7:DA4DG5_AA  A 6 ? A 5  ? A 7  ? A 4 ? 
1 A DT 7 1_555 A DA 4  2_555 A DT 8  1_555 A DA 3 2_555 -0.356 0.835 3.433 1.431  14.984 25.350 -1.955 1.044  3.368 30.913 -2.952 
29.419 7 AA_DT7DT8:DA3DA4_AA  A 7 ? A 4  ? A 8  ? A 3 ? 
1 A DT 8 1_555 A DA 3  2_555 A DG 9  1_555 A DC 2 2_555 -0.184 2.769 3.358 -1.842 -8.234 49.307 3.853  0.089  2.894 -9.786 2.189  
49.980 8 AA_DT8DG9:DC2DA3_AA  A 8 ? A 3  ? A 9  ? A 2 ? 
1 A DG 9 1_555 A DC 2  2_555 A DG 10 1_555 A DC 1 2_555 0.399  0.237 3.167 -1.497 4.893  29.269 -0.536 -1.084 3.141 9.591  2.934  
29.703 9 AA_DG9DG10:DC1DC2_AA A 9 ? A 2  ? A 10 ? A 1 ? 
# 
_atom_sites.entry_id                    3DNB 
_atom_sites.fract_transf_matrix[1][1]   -0.03199647 
_atom_sites.fract_transf_matrix[1][2]   0.00710458 
_atom_sites.fract_transf_matrix[1][3]   -0.01262790 
_atom_sites.fract_transf_vector[1]      0.031462 
_atom_sites.fract_transf_matrix[2][1]   0.00901725 
_atom_sites.fract_transf_matrix[2][2]   0.03707964 
_atom_sites.fract_transf_matrix[2][3]   -0.00198648 
_atom_sites.fract_transf_vector[2]      -0.001117 
_atom_sites.fract_transf_matrix[3][1]   -0.00479661 
_atom_sites.fract_transf_matrix[3][2]   -0.00059874 
_atom_sites.fract_transf_matrix[3][3]   -0.03294931 
_atom_sites.fract_transf_vector[3]      0.019162 
# 
loop_
_atom_type.symbol 
C  
MG 
N  
O  
P  
# 
loop_
_atom_site.group_PDB 
_atom_site.id 
_atom_site.type_symbol 
_atom_site.label_atom_id 
_atom_site.label_alt_id 
_atom_site.label_comp_id 
_atom_site.label_asym_id 
_atom_site.label_entity_id 
_atom_site.label_seq_id 
_atom_site.pdbx_PDB_ins_code 
_atom_site.Cartn_x 
_atom_site.Cartn_y 
_atom_site.Cartn_z 
_atom_site.occupancy 
_atom_site.B_iso_or_equiv 
_atom_site.pdbx_formal_charge 
_atom_site.auth_seq_id 
_atom_site.auth_comp_id 
_atom_site.auth_asym_id 
_atom_site.auth_atom_id 
_atom_site.pdbx_PDB_model_num 
ATOM   1   O  "O5'" . DC  A 1 1  ? 13.353  -2.549  -12.157 1.00 24.43 ? 1  DC  A "O5'" 1 
ATOM   2   C  "C5'" . DC  A 1 1  ? 13.743  -1.661  -13.237 1.00 14.21 ? 1  DC  A "C5'" 1 
ATOM   3   C  "C4'" . DC  A 1 1  ? 12.622  -0.655  -13.426 1.00 12.26 ? 1  DC  A "C4'" 1 
ATOM   4   O  "O4'" . DC  A 1 1  ? 11.484  -1.330  -13.892 1.00 13.66 ? 1  DC  A "O4'" 1 
ATOM   5   C  "C3'" . DC  A 1 1  ? 12.192  0.121   -12.176 1.00 15.23 ? 1  DC  A "C3'" 1 
ATOM   6   O  "O3'" . DC  A 1 1  ? 12.129  1.514   -12.478 1.00 11.37 ? 1  DC  A "O3'" 1 
ATOM   7   C  "C2'" . DC  A 1 1  ? 10.872  -0.508  -11.784 1.00 8.81  ? 1  DC  A "C2'" 1 
ATOM   8   C  "C1'" . DC  A 1 1  ? 10.337  -1.050  -13.053 1.00 11.62 ? 1  DC  A "C1'" 1 
ATOM   9   N  N1    . DC  A 1 1  ? 9.600   -2.322  -12.908 1.00 6.75  ? 1  DC  A N1    1 
ATOM   10  C  C2    . DC  A 1 1  ? 8.249   -2.319  -13.245 1.00 8.88  ? 1  DC  A C2    1 
ATOM   11  O  O2    . DC  A 1 1  ? 7.713   -1.284  -13.671 1.00 9.55  ? 1  DC  A O2    1 
ATOM   12  N  N3    . DC  A 1 1  ? 7.578   -3.486  -13.166 1.00 5.81  ? 1  DC  A N3    1 
ATOM   13  C  C4    . DC  A 1 1  ? 8.110   -4.625  -12.715 1.00 5.63  ? 1  DC  A C4    1 
ATOM   14  N  N4    . DC  A 1 1  ? 7.426   -5.745  -12.621 1.00 4.75  ? 1  DC  A N4    1 
ATOM   15  C  C5    . DC  A 1 1  ? 9.530   -4.627  -12.319 1.00 9.58  ? 1  DC  A C5    1 
ATOM   16  C  C6    . DC  A 1 1  ? 10.182  -3.463  -12.435 1.00 10.40 ? 1  DC  A C6    1 
ATOM   17  P  P     . DC  A 1 2  ? 12.082  2.650   -11.372 1.00 14.07 ? 2  DC  A P     1 
ATOM   18  O  OP1   . DC  A 1 2  ? 12.529  3.868   -12.081 1.00 25.16 ? 2  DC  A OP1   1 
ATOM   19  O  OP2   . DC  A 1 2  ? 12.714  2.301   -10.097 1.00 16.64 ? 2  DC  A OP2   1 
ATOM   20  O  "O5'" . DC  A 1 2  ? 10.485  2.745   -11.031 1.00 10.70 ? 2  DC  A "O5'" 1 
ATOM   21  C  "C5'" . DC  A 1 2  ? 9.661   3.397   -11.997 1.00 12.02 ? 2  DC  A "C5'" 1 
ATOM   22  C  "C4'" . DC  A 1 2  ? 8.244   3.354   -11.432 1.00 10.40 ? 2  DC  A "C4'" 1 
ATOM   23  O  "O4'" . DC  A 1 2  ? 7.711   2.042   -11.465 1.00 8.44  ? 2  DC  A "O4'" 1 
ATOM   24  C  "C3'" . DC  A 1 2  ? 8.136   3.822   -9.987  1.00 7.28  ? 2  DC  A "C3'" 1 
ATOM   25  O  "O3'" . DC  A 1 2  ? 6.948   4.578   -9.781  1.00 8.16  ? 2  DC  A "O3'" 1 
ATOM   26  C  "C2'" . DC  A 1 2  ? 8.120   2.487   -9.207  1.00 7.16  ? 2  DC  A "C2'" 1 
ATOM   27  C  "C1'" . DC  A 1 2  ? 7.203   1.705   -10.137 1.00 3.79  ? 2  DC  A "C1'" 1 
ATOM   28  N  N1    . DC  A 1 2  ? 7.191   0.261   -9.970  1.00 4.97  ? 2  DC  A N1    1 
ATOM   29  C  C2    . DC  A 1 2  ? 6.075   -0.475  -10.334 1.00 5.42  ? 2  DC  A C2    1 
ATOM   30  O  O2    . DC  A 1 2  ? 5.077   0.127   -10.791 1.00 7.47  ? 2  DC  A O2    1 
ATOM   31  N  N3    . DC  A 1 2  ? 6.057   -1.806  -10.198 1.00 3.92  ? 2  DC  A N3    1 
ATOM   32  C  C4    . DC  A 1 2  ? 7.138   -2.516  -9.736  1.00 5.53  ? 2  DC  A C4    1 
ATOM   33  N  N4    . DC  A 1 2  ? 7.087   -3.818  -9.607  1.00 7.40  ? 2  DC  A N4    1 
ATOM   34  C  C5    . DC  A 1 2  ? 8.309   -1.771  -9.352  1.00 10.52 ? 2  DC  A C5    1 
ATOM   35  C  C6    . DC  A 1 2  ? 8.288   -0.451  -9.473  1.00 8.09  ? 2  DC  A C6    1 
ATOM   36  P  P     . DA  A 1 3  ? 6.906   6.173   -9.744  1.00 12.55 ? 3  DA  A P     1 
ATOM   37  O  OP1   . DA  A 1 3  ? 7.553   6.586   -10.986 1.00 19.42 ? 3  DA  A OP1   1 
ATOM   38  O  OP2   . DA  A 1 3  ? 7.427   6.610   -8.434  1.00 13.74 ? 3  DA  A OP2   1 
ATOM   39  O  "O5'" . DA  A 1 3  ? 5.313   6.447   -9.745  1.00 7.98  ? 3  DA  A "O5'" 1 
ATOM   40  C  "C5'" . DA  A 1 3  ? 4.649   6.168   -11.015 1.00 10.74 ? 3  DA  A "C5'" 1 
ATOM   41  C  "C4'" . DA  A 1 3  ? 3.254   5.695   -10.682 1.00 11.58 ? 3  DA  A "C4'" 1 
ATOM   42  O  "O4'" . DA  A 1 3  ? 3.235   4.420   -10.149 1.00 9.18  ? 3  DA  A "O4'" 1 
ATOM   43  C  "C3'" . DA  A 1 3  ? 2.474   6.566   -9.689  1.00 9.93  ? 3  DA  A "C3'" 1 
ATOM   44  O  "O3'" . DA  A 1 3  ? 1.128   6.677   -10.166 1.00 7.64  ? 3  DA  A "O3'" 1 
ATOM   45  C  "C2'" . DA  A 1 3  ? 2.577   5.814   -8.361  1.00 5.72  ? 3  DA  A "C2'" 1 
ATOM   46  C  "C1'" . DA  A 1 3  ? 2.669   4.415   -8.770  1.00 4.26  ? 3  DA  A "C1'" 1 
ATOM   47  N  N9    . DA  A 1 3  ? 3.659   3.623   -8.005  1.00 9.07  ? 3  DA  A N9    1 
ATOM   48  C  C8    . DA  A 1 3  ? 4.796   4.041   -7.379  1.00 10.77 ? 3  DA  A C8    1 
ATOM   49  N  N7    . DA  A 1 3  ? 5.502   3.044   -6.876  1.00 8.66  ? 3  DA  A N7    1 
ATOM   50  C  C5    . DA  A 1 3  ? 4.787   1.903   -7.197  1.00 3.52  ? 3  DA  A C5    1 
ATOM   51  C  C6    . DA  A 1 3  ? 5.006   0.528   -6.989  1.00 9.25  ? 3  DA  A C6    1 
ATOM   52  N  N6    . DA  A 1 3  ? 6.055   0.054   -6.350  1.00 10.56 ? 3  DA  A N6    1 
ATOM   53  N  N1    . DA  A 1 3  ? 4.060   -0.321  -7.509  1.00 7.45  ? 3  DA  A N1    1 
ATOM   54  C  C2    . DA  A 1 3  ? 2.947   0.156   -8.175  1.00 4.81  ? 3  DA  A C2    1 
ATOM   55  N  N3    . DA  A 1 3  ? 2.709   1.428   -8.422  1.00 6.18  ? 3  DA  A N3    1 
ATOM   56  C  C4    . DA  A 1 3  ? 3.646   2.258   -7.915  1.00 5.29  ? 3  DA  A C4    1 
ATOM   57  P  P     . DA  A 1 4  ? -0.021  7.518   -9.476  1.00 8.54  ? 4  DA  A P     1 
ATOM   58  O  OP1   . DA  A 1 4  ? -1.047  7.754   -10.546 1.00 9.32  ? 4  DA  A OP1   1 
ATOM   59  O  OP2   . DA  A 1 4  ? 0.596   8.682   -8.831  1.00 8.14  ? 4  DA  A OP2   1 
ATOM   60  O  "O5'" . DA  A 1 4  ? -0.633  6.563   -8.341  1.00 10.91 ? 4  DA  A "O5'" 1 
ATOM   61  C  "C5'" . DA  A 1 4  ? -1.408  5.384   -8.696  1.00 8.09  ? 4  DA  A "C5'" 1 
ATOM   62  C  "C4'" . DA  A 1 4  ? -1.661  4.697   -7.375  1.00 9.74  ? 4  DA  A "C4'" 1 
ATOM   63  O  "O4'" . DA  A 1 4  ? -0.444  4.056   -6.969  1.00 8.83  ? 4  DA  A "O4'" 1 
ATOM   64  C  "C3'" . DA  A 1 4  ? -2.060  5.618   -6.235  1.00 10.93 ? 4  DA  A "C3'" 1 
ATOM   65  O  "O3'" . DA  A 1 4  ? -3.197  5.087   -5.552  1.00 13.60 ? 4  DA  A "O3'" 1 
ATOM   66  C  "C2'" . DA  A 1 4  ? -0.842  5.646   -5.313  1.00 17.10 ? 4  DA  A "C2'" 1 
ATOM   67  C  "C1'" . DA  A 1 4  ? -0.375  4.232   -5.526  1.00 12.50 ? 4  DA  A "C1'" 1 
ATOM   68  N  N9    . DA  A 1 4  ? 0.992   4.040   -5.081  1.00 7.63  ? 4  DA  A N9    1 
ATOM   69  C  C8    . DA  A 1 4  ? 1.974   4.910   -4.767  1.00 10.33 ? 4  DA  A C8    1 
ATOM   70  N  N7    . DA  A 1 4  ? 3.103   4.342   -4.395  1.00 9.08  ? 4  DA  A N7    1 
ATOM   71  C  C5    . DA  A 1 4  ? 2.832   2.987   -4.438  1.00 10.08 ? 4  DA  A C5    1 
ATOM   72  C  C6    . DA  A 1 4  ? 3.596   1.833   -4.130  1.00 5.13  ? 4  DA  A C6    1 
ATOM   73  N  N6    . DA  A 1 4  ? 4.864   1.870   -3.729  1.00 9.32  ? 4  DA  A N6    1 
ATOM   74  N  N1    . DA  A 1 4  ? 2.978   0.639   -4.267  1.00 6.63  ? 4  DA  A N1    1 
ATOM   75  C  C2    . DA  A 1 4  ? 1.679   0.527   -4.699  1.00 6.48  ? 4  DA  A C2    1 
ATOM   76  N  N3    . DA  A 1 4  ? 0.914   1.596   -5.031  1.00 8.36  ? 4  DA  A N3    1 
ATOM   77  C  C4    . DA  A 1 4  ? 1.533   2.760   -4.854  1.00 9.70  ? 4  DA  A C4    1 
ATOM   78  P  P     . DG  A 1 5  ? -4.700  5.561   -5.947  1.00 12.85 ? 5  DG  A P     1 
ATOM   79  O  OP1   . DG  A 1 5  ? -4.767  5.286   -7.410  1.00 14.76 ? 5  DG  A OP1   1 
ATOM   80  O  OP2   . DG  A 1 5  ? -4.907  6.943   -5.495  1.00 17.80 ? 5  DG  A OP2   1 
ATOM   81  O  "O5'" . DG  A 1 5  ? -5.496  4.513   -5.053  1.00 11.52 ? 5  DG  A "O5'" 1 
ATOM   82  C  "C5'" . DG  A 1 5  ? -5.758  3.254   -5.722  1.00 8.41  ? 5  DG  A "C5'" 1 
ATOM   83  C  "C4'" . DG  A 1 5  ? -5.639  2.219   -4.628  1.00 11.29 ? 5  DG  A "C4'" 1 
ATOM   84  O  "O4'" . DG  A 1 5  ? -4.259  2.003   -4.301  1.00 10.78 ? 5  DG  A "O4'" 1 
ATOM   85  C  "C3'" . DG  A 1 5  ? -6.298  2.542   -3.300  1.00 8.94  ? 5  DG  A "C3'" 1 
ATOM   86  O  "O3'" . DG  A 1 5  ? -6.853  1.327   -2.758  1.00 11.28 ? 5  DG  A "O3'" 1 
ATOM   87  C  "C2'" . DG  A 1 5  ? -5.164  3.081   -2.440  1.00 10.27 ? 5  DG  A "C2'" 1 
ATOM   88  C  "C1'" . DG  A 1 5  ? -4.081  2.090   -2.893  1.00 7.90  ? 5  DG  A "C1'" 1 
ATOM   89  N  N9    . DG  A 1 5  ? -2.757  2.548   -2.471  1.00 10.47 ? 5  DG  A N9    1 
ATOM   90  C  C8    . DG  A 1 5  ? -2.255  3.786   -2.233  1.00 10.99 ? 5  DG  A C8    1 
ATOM   91  N  N7    . DG  A 1 5  ? -1.004  3.824   -1.889  1.00 12.25 ? 5  DG  A N7    1 
ATOM   92  C  C5    . DG  A 1 5  ? -0.655  2.462   -1.887  1.00 7.16  ? 5  DG  A C5    1 
ATOM   93  C  C6    . DG  A 1 5  ? 0.586   1.850   -1.580  1.00 6.44  ? 5  DG  A C6    1 
ATOM   94  O  O6    . DG  A 1 5  ? 1.657   2.419   -1.249  1.00 10.07 ? 5  DG  A O6    1 
ATOM   95  N  N1    . DG  A 1 5  ? 0.592   0.502   -1.696  1.00 6.90  ? 5  DG  A N1    1 
ATOM   96  C  C2    . DG  A 1 5  ? -0.517  -0.215  -2.091  1.00 6.87  ? 5  DG  A C2    1 
ATOM   97  N  N2    . DG  A 1 5  ? -0.392  -1.544  -2.174  1.00 7.71  ? 5  DG  A N2    1 
ATOM   98  N  N3    . DG  A 1 5  ? -1.731  0.315   -2.353  1.00 9.17  ? 5  DG  A N3    1 
ATOM   99  C  C4    . DG  A 1 5  ? -1.702  1.672   -2.266  1.00 7.33  ? 5  DG  A C4    1 
ATOM   100 P  P     . DA  A 1 6  ? -8.306  1.201   -2.106  1.00 11.09 ? 6  DA  A P     1 
ATOM   101 O  OP1   . DA  A 1 6  ? -9.253  1.386   -3.202  1.00 19.09 ? 6  DA  A OP1   1 
ATOM   102 O  OP2   . DA  A 1 6  ? -8.443  2.093   -0.929  1.00 12.96 ? 6  DA  A OP2   1 
ATOM   103 O  "O5'" . DA  A 1 6  ? -8.223  -0.319  -1.609  1.00 12.58 ? 6  DA  A "O5'" 1 
ATOM   104 C  "C5'" . DA  A 1 6  ? -7.990  -1.406  -2.524  1.00 13.57 ? 6  DA  A "C5'" 1 
ATOM   105 C  "C4'" . DA  A 1 6  ? -7.187  -2.464  -1.748  1.00 3.09  ? 6  DA  A "C4'" 1 
ATOM   106 O  "O4'" . DA  A 1 6  ? -5.947  -1.899  -1.437  1.00 7.14  ? 6  DA  A "O4'" 1 
ATOM   107 C  "C3'" . DA  A 1 6  ? -7.793  -2.911  -0.425  1.00 9.33  ? 6  DA  A "C3'" 1 
ATOM   108 O  "O3'" . DA  A 1 6  ? -7.583  -4.319  -0.260  1.00 10.63 ? 6  DA  A "O3'" 1 
ATOM   109 C  "C2'" . DA  A 1 6  ? -7.063  -2.052  0.615   1.00 10.07 ? 6  DA  A "C2'" 1 
ATOM   110 C  "C1'" . DA  A 1 6  ? -5.711  -1.942  -0.015  1.00 6.71  ? 6  DA  A "C1'" 1 
ATOM   111 N  N9    . DA  A 1 6  ? -4.986  -0.708  0.322   1.00 8.30  ? 6  DA  A N9    1 
ATOM   112 C  C8    . DA  A 1 6  ? -5.493  0.563   0.421   1.00 5.85  ? 6  DA  A C8    1 
ATOM   113 N  N7    . DA  A 1 6  ? -4.594  1.472   0.728   1.00 10.87 ? 6  DA  A N7    1 
ATOM   114 C  C5    . DA  A 1 6  ? -3.413  0.741   0.889   1.00 3.53  ? 6  DA  A C5    1 
ATOM   115 C  C6    . DA  A 1 6  ? -2.091  1.139   1.233   1.00 6.13  ? 6  DA  A C6    1 
ATOM   116 N  N6    . DA  A 1 6  ? -1.730  2.357   1.495   1.00 9.90  ? 6  DA  A N6    1 
ATOM   117 N  N1    . DA  A 1 6  ? -1.216  0.099   1.312   1.00 7.38  ? 6  DA  A N1    1 
ATOM   118 C  C2    . DA  A 1 6  ? -1.571  -1.184  1.029   1.00 7.36  ? 6  DA  A C2    1 
ATOM   119 N  N3    . DA  A 1 6  ? -2.760  -1.606  0.728   1.00 6.63  ? 6  DA  A N3    1 
ATOM   120 C  C4    . DA  A 1 6  ? -3.653  -0.599  0.657   1.00 7.56  ? 6  DA  A C4    1 
ATOM   121 P  P     . DT  A 1 7  ? -7.948  -5.120  1.045   1.00 12.62 ? 7  DT  A P     1 
ATOM   122 O  OP1   . DT  A 1 7  ? -8.007  -6.494  0.500   1.00 16.18 ? 7  DT  A OP1   1 
ATOM   123 O  OP2   . DT  A 1 7  ? -9.136  -4.584  1.783   1.00 12.61 ? 7  DT  A OP2   1 
ATOM   124 O  "O5'" . DT  A 1 7  ? -6.694  -4.964  2.035   1.00 10.27 ? 7  DT  A "O5'" 1 
ATOM   125 C  "C5'" . DT  A 1 7  ? -5.454  -5.595  1.744   1.00 13.09 ? 7  DT  A "C5'" 1 
ATOM   126 C  "C4'" . DT  A 1 7  ? -4.460  -5.097  2.762   1.00 10.01 ? 7  DT  A "C4'" 1 
ATOM   127 O  "O4'" . DT  A 1 7  ? -4.363  -3.676  2.705   1.00 8.20  ? 7  DT  A "O4'" 1 
ATOM   128 C  "C3'" . DT  A 1 7  ? -4.759  -5.355  4.234   1.00 6.30  ? 7  DT  A "C3'" 1 
ATOM   129 O  "O3'" . DT  A 1 7  ? -4.209  -6.606  4.631   1.00 11.17 ? 7  DT  A "O3'" 1 
ATOM   130 C  "C2'" . DT  A 1 7  ? -4.124  -4.179  4.961   1.00 6.89  ? 7  DT  A "C2'" 1 
ATOM   131 C  "C1'" . DT  A 1 7  ? -3.588  -3.306  3.941   1.00 9.71  ? 7  DT  A "C1'" 1 
ATOM   132 N  N1    . DT  A 1 7  ? -3.814  -1.866  4.076   1.00 8.92  ? 7  DT  A N1    1 
ATOM   133 C  C2    . DT  A 1 7  ? -2.746  -1.061  4.275   1.00 6.88  ? 7  DT  A C2    1 
ATOM   134 O  O2    . DT  A 1 7  ? -1.617  -1.525  4.407   1.00 7.80  ? 7  DT  A O2    1 
ATOM   135 N  N3    . DT  A 1 7  ? -2.935  0.285   4.378   1.00 9.40  ? 7  DT  A N3    1 
ATOM   136 C  C4    . DT  A 1 7  ? -4.169  0.837   4.245   1.00 6.02  ? 7  DT  A C4    1 
ATOM   137 O  O4    . DT  A 1 7  ? -4.299  2.082   4.284   1.00 6.92  ? 7  DT  A O4    1 
ATOM   138 C  C5    . DT  A 1 7  ? -5.307  -0.025  3.982   1.00 5.21  ? 7  DT  A C5    1 
ATOM   139 C  C7    . DT  A 1 7  ? -6.687  0.595   3.845   1.00 6.90  ? 7  DT  A C7    1 
ATOM   140 C  C6    . DT  A 1 7  ? -5.089  -1.328  3.908   1.00 5.23  ? 7  DT  A C6    1 
ATOM   141 P  P     . DT  A 1 8  ? -4.591  -7.355  5.973   1.00 11.02 ? 8  DT  A P     1 
ATOM   142 O  OP1   . DT  A 1 8  ? -4.117  -8.752  5.759   1.00 13.87 ? 8  DT  A OP1   1 
ATOM   143 O  OP2   . DT  A 1 8  ? -6.040  -7.237  6.288   1.00 12.27 ? 8  DT  A OP2   1 
ATOM   144 O  "O5'" . DT  A 1 8  ? -3.684  -6.609  7.038   1.00 10.22 ? 8  DT  A "O5'" 1 
ATOM   145 C  "C5'" . DT  A 1 8  ? -2.260  -6.704  7.114   1.00 12.53 ? 8  DT  A "C5'" 1 
ATOM   146 C  "C4'" . DT  A 1 8  ? -1.778  -5.906  8.299   1.00 11.37 ? 8  DT  A "C4'" 1 
ATOM   147 O  "O4'" . DT  A 1 8  ? -1.960  -4.521  8.082   1.00 7.98  ? 8  DT  A "O4'" 1 
ATOM   148 C  "C3'" . DT  A 1 8  ? -2.490  -6.247  9.616   1.00 10.71 ? 8  DT  A "C3'" 1 
ATOM   149 O  "O3'" . DT  A 1 8  ? -1.555  -6.166  10.683  1.00 7.76  ? 8  DT  A "O3'" 1 
ATOM   150 C  "C2'" . DT  A 1 8  ? -3.525  -5.137  9.722   1.00 5.92  ? 8  DT  A "C2'" 1 
ATOM   151 C  "C1'" . DT  A 1 8  ? -2.676  -3.984  9.281   1.00 4.45  ? 8  DT  A "C1'" 1 
ATOM   152 N  N1    . DT  A 1 8  ? -3.422  -2.825  8.855   1.00 5.87  ? 8  DT  A N1    1 
ATOM   153 C  C2    . DT  A 1 8  ? -2.767  -1.619  8.813   1.00 4.08  ? 8  DT  A C2    1 
ATOM   154 O  O2    . DT  A 1 8  ? -1.589  -1.541  9.215   1.00 7.44  ? 8  DT  A O2    1 
ATOM   155 N  N3    . DT  A 1 8  ? -3.409  -0.492  8.358   1.00 8.73  ? 8  DT  A N3    1 
ATOM   156 C  C4    . DT  A 1 8  ? -4.695  -0.580  7.925   1.00 5.37  ? 8  DT  A C4    1 
ATOM   157 O  O4    . DT  A 1 8  ? -5.181  0.517   7.450   1.00 7.11  ? 8  DT  A O4    1 
ATOM   158 C  C5    . DT  A 1 8  ? -5.373  -1.820  7.913   1.00 8.44  ? 8  DT  A C5    1 
ATOM   159 C  C7    . DT  A 1 8  ? -6.774  -1.934  7.393   1.00 8.71  ? 8  DT  A C7    1 
ATOM   160 C  C6    . DT  A 1 8  ? -4.720  -2.904  8.384   1.00 4.27  ? 8  DT  A C6    1 
ATOM   161 P  P     . DG  A 1 9  ? -0.802  -7.462  11.199  1.00 9.59  ? 9  DG  A P     1 
ATOM   162 O  OP1   . DG  A 1 9  ? -0.311  -8.310  10.086  1.00 11.63 ? 9  DG  A OP1   1 
ATOM   163 O  OP2   . DG  A 1 9  ? -1.743  -8.275  12.058  1.00 16.53 ? 9  DG  A OP2   1 
ATOM   164 O  "O5'" . DG  A 1 9  ? 0.374   -6.891  12.095  1.00 9.44  ? 9  DG  A "O5'" 1 
ATOM   165 C  "C5'" . DG  A 1 9  ? 1.569   -6.374  11.464  1.00 12.41 ? 9  DG  A "C5'" 1 
ATOM   166 C  "C4'" . DG  A 1 9  ? 2.037   -5.196  12.290  1.00 7.06  ? 9  DG  A "C4'" 1 
ATOM   167 O  "O4'" . DG  A 1 9  ? 1.097   -4.119  12.203  1.00 8.29  ? 9  DG  A "O4'" 1 
ATOM   168 C  "C3'" . DG  A 1 9  ? 2.248   -5.464  13.780  1.00 6.82  ? 9  DG  A "C3'" 1 
ATOM   169 O  "O3'" . DG  A 1 9  ? 3.412   -4.767  14.200  1.00 12.48 ? 9  DG  A "O3'" 1 
ATOM   170 C  "C2'" . DG  A 1 9  ? 0.941   -4.965  14.386  1.00 7.86  ? 9  DG  A "C2'" 1 
ATOM   171 C  "C1'" . DG  A 1 9  ? 0.590   -3.811  13.542  1.00 8.96  ? 9  DG  A "C1'" 1 
ATOM   172 N  N9    . DG  A 1 9  ? -0.843  -3.572  13.301  1.00 8.30  ? 9  DG  A N9    1 
ATOM   173 C  C8    . DG  A 1 9  ? -1.851  -4.452  13.300  1.00 8.14  ? 9  DG  A C8    1 
ATOM   174 N  N7    . DG  A 1 9  ? -3.028  -3.929  12.943  1.00 7.22  ? 9  DG  A N7    1 
ATOM   175 C  C5    . DG  A 1 9  ? -2.702  -2.598  12.683  1.00 6.36  ? 9  DG  A C5    1 
ATOM   176 C  C6    . DG  A 1 9  ? -3.505  -1.498  12.257  1.00 6.83  ? 9  DG  A C6    1 
ATOM   177 O  O6    . DG  A 1 9  ? -4.732  -1.536  12.009  1.00 10.67 ? 9  DG  A O6    1 
ATOM   178 N  N1    . DG  A 1 9  ? -2.841  -0.302  12.118  1.00 7.43  ? 9  DG  A N1    1 
ATOM   179 C  C2    . DG  A 1 9  ? -1.483  -0.202  12.352  1.00 9.20  ? 9  DG  A C2    1 
ATOM   180 N  N2    . DG  A 1 9  ? -1.007  1.035   12.133  1.00 7.71  ? 9  DG  A N2    1 
ATOM   181 N  N3    . DG  A 1 9  ? -0.708  -1.191  12.752  1.00 9.88  ? 9  DG  A N3    1 
ATOM   182 C  C4    . DG  A 1 9  ? -1.366  -2.352  12.882  1.00 14.18 ? 9  DG  A C4    1 
ATOM   183 P  P     . DG  A 1 10 ? 3.938   -4.918  15.722  1.00 14.58 ? 10 DG  A P     1 
ATOM   184 O  OP1   . DG  A 1 10 ? 5.370   -4.634  15.642  1.00 16.87 ? 10 DG  A OP1   1 
ATOM   185 O  OP2   . DG  A 1 10 ? 3.486   -6.167  16.338  1.00 18.37 ? 10 DG  A OP2   1 
ATOM   186 O  "O5'" . DG  A 1 10 ? 3.209   -3.689  16.470  1.00 12.26 ? 10 DG  A "O5'" 1 
ATOM   187 C  "C5'" . DG  A 1 10 ? 3.710   -2.411  16.140  1.00 11.74 ? 10 DG  A "C5'" 1 
ATOM   188 C  "C4'" . DG  A 1 10 ? 2.756   -1.369  16.649  1.00 12.31 ? 10 DG  A "C4'" 1 
ATOM   189 O  "O4'" . DG  A 1 10 ? 1.483   -1.473  16.031  1.00 12.02 ? 10 DG  A "O4'" 1 
ATOM   190 C  "C3'" . DG  A 1 10 ? 2.535   -1.455  18.158  1.00 17.01 ? 10 DG  A "C3'" 1 
ATOM   191 O  "O3'" . DG  A 1 10 ? 3.228   -0.380  18.835  1.00 15.49 ? 10 DG  A "O3'" 1 
ATOM   192 C  "C2'" . DG  A 1 10 ? 1.034   -1.393  18.357  1.00 6.79  ? 10 DG  A "C2'" 1 
ATOM   193 C  "C1'" . DG  A 1 10 ? 0.545   -0.961  17.008  1.00 10.19 ? 10 DG  A "C1'" 1 
ATOM   194 N  N9    . DG  A 1 10 ? -0.768  -1.503  16.715  1.00 6.88  ? 10 DG  A N9    1 
ATOM   195 C  C8    . DG  A 1 10 ? -1.260  -2.753  16.894  1.00 9.28  ? 10 DG  A C8    1 
ATOM   196 N  N7    . DG  A 1 10 ? -2.520  -2.887  16.509  1.00 5.90  ? 10 DG  A N7    1 
ATOM   197 C  C5    . DG  A 1 10 ? -2.866  -1.639  16.041  1.00 5.65  ? 10 DG  A C5    1 
ATOM   198 C  C6    . DG  A 1 10 ? -4.079  -1.101  15.509  1.00 7.00  ? 10 DG  A C6    1 
ATOM   199 O  O6    . DG  A 1 10 ? -5.134  -1.747  15.309  1.00 8.05  ? 10 DG  A O6    1 
ATOM   200 N  N1    . DG  A 1 10 ? -4.049  0.219   15.155  1.00 4.16  ? 10 DG  A N1    1 
ATOM   201 C  C2    . DG  A 1 10 ? -2.918  0.964   15.304  1.00 5.08  ? 10 DG  A C2    1 
ATOM   202 N  N2    . DG  A 1 10 ? -3.003  2.253   14.923  1.00 7.04  ? 10 DG  A N2    1 
ATOM   203 N  N3    . DG  A 1 10 ? -1.725  0.546   15.810  1.00 6.03  ? 10 DG  A N3    1 
ATOM   204 C  C4    . DG  A 1 10 ? -1.816  -0.745  16.153  1.00 3.45  ? 10 DG  A C4    1 
HETATM 205 MG MG    . MG  B 2 .  ? -8.459  3.686   0.296   1.00 16.69 ? 11 MG  A MG    1 
HETATM 206 MG MG    . MG  C 2 .  ? -3.486  -2.783  -4.758  1.00 30.75 ? 12 MG  A MG    1 
HETATM 207 MG MG    . MG  D 2 .  ? -7.032  -5.045  13.282  1.00 15.30 ? 13 MG  A MG    1 
HETATM 208 O  O     . HOH E 3 .  ? -6.664  3.553   1.175   1.00 25.54 ? 14 HOH A O     1 
HETATM 209 O  O     . HOH E 3 .  ? -10.301 3.944   -0.530  1.00 18.56 ? 15 HOH A O     1 
HETATM 210 O  O     . HOH E 3 .  ? -7.697  5.036   -0.988  1.00 16.76 ? 16 HOH A O     1 
HETATM 211 O  O     . HOH E 3 .  ? -9.228  2.376   1.593   1.00 31.63 ? 17 HOH A O     1 
HETATM 212 O  O     . HOH E 3 .  ? -8.934  5.184   1.567   1.00 19.48 ? 18 HOH A O     1 
HETATM 213 O  O     . HOH E 3 .  ? -2.307  -3.945  -3.631  1.00 46.38 ? 19 HOH A O     1 
HETATM 214 O  O     . HOH E 3 .  ? -4.687  -1.646  -5.890  1.00 33.93 ? 20 HOH A O     1 
HETATM 215 O  O     . HOH E 3 .  ? -3.787  -1.563  -3.182  1.00 15.64 ? 21 HOH A O     1 
HETATM 216 O  O     . HOH E 3 .  ? -3.218  -4.045  -6.306  1.00 43.16 ? 22 HOH A O     1 
HETATM 217 O  O     . HOH E 3 .  ? -1.900  -1.731  -5.357  1.00 22.89 ? 23 HOH A O     1 
HETATM 218 O  O     . HOH E 3 .  ? -5.083  -3.870  -4.189  1.00 62.74 ? 24 HOH A O     1 
HETATM 219 O  O     . HOH E 3 .  ? -7.167  -6.169  11.637  1.00 21.75 ? 25 HOH A O     1 
HETATM 220 O  O     . HOH E 3 .  ? -6.920  -3.926  14.950  1.00 21.39 ? 26 HOH A O     1 
HETATM 221 O  O     . HOH E 3 .  ? -7.472  -6.655  14.419  1.00 29.05 ? 27 HOH A O     1 
HETATM 222 O  O     . HOH E 3 .  ? -6.714  -3.458  12.102  1.00 12.24 ? 28 HOH A O     1 
HETATM 223 O  O     . HOH E 3 .  ? -9.003  -4.647  13.187  1.00 26.88 ? 29 HOH A O     1 
HETATM 224 O  O     . HOH E 3 .  ? -5.107  -5.502  13.404  1.00 15.58 ? 30 HOH A O     1 
HETATM 225 O  O     . HOH E 3 .  ? -4.902  6.006   -0.669  0.79 19.00 ? 31 HOH A O     1 
HETATM 226 O  O     . HOH E 3 .  ? -5.372  9.682   -1.225  1.00 22.16 ? 32 HOH A O     1 
HETATM 227 O  O     . HOH E 3 .  ? -7.861  7.264   -5.322  0.84 16.24 ? 33 HOH A O     1 
HETATM 228 O  O     . HOH E 3 .  ? -3.073  11.315  -6.946  1.00 13.53 ? 34 HOH A O     1 
HETATM 229 O  O     . HOH E 3 .  ? -3.479  8.589   -10.079 1.00 12.41 ? 35 HOH A O     1 
HETATM 230 O  O     . HOH E 3 .  ? 3.711   2.247   -12.040 0.84 20.76 ? 36 HOH A O     1 
HETATM 231 O  O     . HOH E 3 .  ? -3.463  4.633   1.186   1.00 24.00 ? 37 HOH A O     1 
HETATM 232 O  O     . HOH E 3 .  ? -2.767  -4.301  -0.465  0.99 23.07 ? 38 HOH A O     1 
HETATM 233 O  O     . HOH E 3 .  ? -3.474  13.325  -4.703  0.79 16.26 ? 39 HOH A O     1 
HETATM 234 O  O     . HOH E 3 .  ? 7.342   3.985   -3.051  0.55 11.36 ? 40 HOH A O     1 
HETATM 235 O  O     . HOH E 3 .  ? 8.719   1.163   -5.689  1.00 32.15 ? 41 HOH A O     1 
HETATM 236 O  O     . HOH E 3 .  ? -4.668  8.863   -7.389  1.00 16.75 ? 42 HOH A O     1 
HETATM 237 O  O     . HOH E 3 .  ? 1.011   -2.861  9.628   1.00 21.50 ? 43 HOH A O     1 
HETATM 238 O  O     . HOH E 3 .  ? 0.220   1.763   -9.300  0.92 23.39 ? 44 HOH A O     1 
HETATM 239 O  O     . HOH E 3 .  ? 11.630  4.360   -14.847 1.00 22.26 ? 45 HOH A O     1 
HETATM 240 O  O     . HOH E 3 .  ? 2.796   4.672   -0.739  0.81 36.87 ? 46 HOH A O     1 
HETATM 241 O  O     . HOH E 3 .  ? -9.716  2.470   4.212   0.88 42.69 ? 47 HOH A O     1 
HETATM 242 O  O     . HOH E 3 .  ? 0.946   10.864  -1.854  0.64 27.20 ? 48 HOH A O     1 
HETATM 243 O  O     . HOH E 3 .  ? 4.868   5.948   -3.616  0.79 28.02 ? 49 HOH A O     1 
HETATM 244 O  O     . HOH E 3 .  ? -3.980  7.113   -2.999  0.73 17.57 ? 50 HOH A O     1 
HETATM 245 O  O     . HOH E 3 .  ? -0.271  -2.820  6.518   0.97 23.99 ? 51 HOH A O     1 
HETATM 246 O  O     . HOH E 3 .  ? 15.119  1.741   -9.235  1.00 19.37 ? 52 HOH A O     1 
HETATM 247 O  O     . HOH E 3 .  ? 12.398  -2.665  -9.524  0.99 32.36 ? 53 HOH A O     1 
HETATM 248 O  O     . HOH E 3 .  ? -0.680  11.277  -8.359  0.99 19.52 ? 54 HOH A O     1 
HETATM 249 O  O     . HOH E 3 .  ? 0.584   -9.217  18.219  0.77 37.48 ? 55 HOH A O     1 
HETATM 250 O  O     . HOH E 3 .  ? -0.580  6.010   -12.684 0.62 8.49  ? 56 HOH A O     1 
HETATM 251 O  O     . HOH E 3 .  ? 5.965   -7.412  16.895  0.64 15.36 ? 57 HOH A O     1 
HETATM 252 O  O     . HOH E 3 .  ? -4.112  -5.187  16.644  1.00 19.42 ? 58 HOH A O     1 
HETATM 253 O  O     . HOH E 3 .  ? -0.422  -5.697  -2.401  0.73 32.51 ? 59 HOH A O     1 
HETATM 254 O  O     . HOH E 3 .  ? -1.765  0.819   -5.957  1.00 27.31 ? 60 HOH A O     1 
HETATM 255 O  O     . HOH E 3 .  ? 9.282   8.811   -8.760  0.68 28.93 ? 61 HOH A O     1 
HETATM 256 O  O     . HOH E 3 .  ? 11.074  0.356   -17.583 0.76 26.21 ? 62 HOH A O     1 
HETATM 257 O  O     . HOH E 3 .  ? 2.118   -0.414  13.007  0.73 34.94 ? 63 HOH A O     1 
HETATM 258 O  O     . HOH E 3 .  ? -1.431  -7.965  15.129  0.90 29.33 ? 64 HOH A O     1 
HETATM 259 O  O     . HOH E 3 .  ? 7.897   3.792   -5.641  0.82 26.89 ? 65 HOH A O     1 
HETATM 260 O  O     . HOH E 3 .  ? 11.576  4.088   -7.879  1.00 31.73 ? 66 HOH A O     1 
HETATM 261 O  O     . HOH E 3 .  ? -1.132  -10.463 8.858   0.86 26.17 ? 67 HOH A O     1 
HETATM 262 O  O     . HOH E 3 .  ? -4.540  3.240   -9.427  0.70 28.89 ? 68 HOH A O     1 
HETATM 263 O  O     . HOH E 3 .  ? -10.166 0.203   1.732   1.00 49.57 ? 69 HOH A O     1 
HETATM 264 O  O     . HOH E 3 .  ? -4.271  -8.181  12.329  0.68 33.81 ? 70 HOH A O     1 
HETATM 265 O  O     . HOH E 3 .  ? 10.564  1.562   -15.417 0.53 13.55 ? 71 HOH A O     1 
HETATM 266 O  O     . HOH E 3 .  ? -9.564  4.287   -4.487  0.92 18.75 ? 72 HOH A O     1 
HETATM 267 O  O     . HOH E 3 .  ? 5.560   7.411   -6.444  1.00 48.77 ? 73 HOH A O     1 
HETATM 268 O  O     . HOH E 3 .  ? 12.332  -2.719  -16.988 0.99 22.37 ? 74 HOH A O     1 
HETATM 269 O  O     . HOH E 3 .  ? -4.776  -5.154  -1.959  0.78 30.23 ? 75 HOH A O     1 
HETATM 270 O  O     . HOH E 3 .  ? -0.639  -4.227  1.598   0.61 27.96 ? 76 HOH A O     1 
HETATM 271 O  O     . HOH E 3 .  ? 2.272   -8.412  16.140  0.83 36.41 ? 77 HOH A O     1 
HETATM 272 O  O     . HOH E 3 .  ? -11.472 -1.305  -1.224  0.71 23.92 ? 78 HOH A O     1 
HETATM 273 O  O     . HOH E 3 .  ? -2.797  -7.356  -3.769  0.61 29.40 ? 79 HOH A O     1 
HETATM 274 O  O     . HOH E 3 .  ? 7.171   6.087   -13.751 0.74 31.32 ? 80 HOH A O     1 
HETATM 275 O  O     . HOH E 3 .  ? 5.244   9.688   -11.284 0.75 35.88 ? 81 HOH A O     1 
HETATM 276 O  O     . HOH E 3 .  ? 14.852  -1.426  -15.980 0.71 38.67 ? 82 HOH A O     1 
# 
